data_6F7I
#
_entry.id   6F7I
#
_cell.length_a   64.200
_cell.length_b   108.970
_cell.length_c   73.510
_cell.angle_alpha   90.00
_cell.angle_beta   111.79
_cell.angle_gamma   90.00
#
_symmetry.space_group_name_H-M   'P 1 21 1'
#
loop_
_entity.id
_entity.type
_entity.pdbx_description
1 polymer 'Mucosa-associated lymphoid tissue lymphoma translocation protein 1'
2 non-polymer 1-[2-chloranyl-7-[(1~{S})-1-methoxyethyl]pyrazolo[1,5-a]pyrimidin-6-yl]-3-(5-chloranyl-6-pyrrolidin-1-ylcarbonyl-pyridin-3-yl)urea
3 non-polymer 'MAGNESIUM ION'
4 non-polymer GLYCEROL
5 water water
#
_entity_poly.entity_id   1
_entity_poly.type   'polypeptide(L)'
_entity_poly.pdbx_seq_one_letter_code
;GPGSDNKEQTTDQPLAKDKVALLIGNMNYREHPKLKAPLVDVYELTNLLRQLDFKVVSLLDLTEYEMRNAVDEFLLLLDK
GVYGLLYYAGHGYENFGNSFMVPVDAPNPYRSENCLCVQNILKLMQEKETGLNVFLLDMCRKRNDYDDTIPILDALKVTA
NIVFGYATCQGAEAFEIQHSGLANGIFMKFLKDRLLEDKKITVLLDEVAEDMGKCHLTKGKQALEIRSSLSEKRALTDPI
QGTEYSAESLVRNLQWAKAHELPESMCLKFDCGVQIQLGFAAEFSNVMIIYTSIVYKPPEIIMCDAYVTDFPLDLDIDPK
DANKGTPEETGSYLVSKDLPKHCLYTRLSSLQKLKEHLVFTVCLSYQYSGLEDTVEDKQEVNVGKPLIAKLDMHRGLGRK
TCFQ
;
_entity_poly.pdbx_strand_id   A,B
#
# COMPACT_ATOMS: atom_id res chain seq x y z
N GLN A 13 -25.38 3.29 -6.81
CA GLN A 13 -25.33 1.90 -7.25
C GLN A 13 -24.71 0.96 -6.20
N PRO A 14 -23.47 1.18 -5.63
CA PRO A 14 -22.98 0.22 -4.64
C PRO A 14 -23.67 0.40 -3.29
N LEU A 15 -23.89 -0.72 -2.58
CA LEU A 15 -24.60 -0.70 -1.31
C LEU A 15 -23.91 -1.50 -0.21
N ALA A 16 -24.18 -1.11 1.03
CA ALA A 16 -23.67 -1.79 2.21
C ALA A 16 -24.77 -2.65 2.82
N LYS A 17 -24.46 -3.88 3.27
CA LYS A 17 -25.43 -4.72 3.99
C LYS A 17 -25.69 -4.04 5.34
N ASP A 18 -24.62 -3.55 5.94
CA ASP A 18 -24.63 -2.83 7.21
C ASP A 18 -23.36 -1.96 7.25
N LYS A 19 -23.25 -1.13 8.28
CA LYS A 19 -22.13 -0.24 8.50
C LYS A 19 -21.80 -0.28 9.98
N VAL A 20 -20.65 -0.91 10.31
CA VAL A 20 -20.17 -1.11 11.68
C VAL A 20 -18.77 -0.55 11.87
N ALA A 21 -18.50 0.02 13.06
CA ALA A 21 -17.18 0.62 13.35
C ALA A 21 -16.72 0.43 14.79
N LEU A 22 -15.40 0.17 14.97
CA LEU A 22 -14.73 0.07 16.27
C LEU A 22 -13.58 1.10 16.29
N LEU A 23 -13.68 2.05 17.20
CA LEU A 23 -12.73 3.15 17.36
C LEU A 23 -12.11 3.04 18.73
N ILE A 24 -10.76 2.92 18.80
CA ILE A 24 -10.00 2.77 20.05
C ILE A 24 -8.98 3.90 20.17
N GLY A 25 -9.04 4.62 21.29
CA GLY A 25 -8.15 5.73 21.59
C GLY A 25 -7.39 5.46 22.87
N ASN A 26 -6.06 5.25 22.80
CA ASN A 26 -5.23 5.02 23.98
C ASN A 26 -4.39 6.26 24.34
N MET A 27 -4.54 6.74 25.58
CA MET A 27 -3.90 7.96 26.05
C MET A 27 -3.18 7.82 27.34
N ASN A 28 -3.84 7.19 28.31
CA ASN A 28 -3.31 7.10 29.65
C ASN A 28 -2.55 5.83 29.82
N TYR A 29 -1.33 5.87 29.37
CA TYR A 29 -0.37 4.77 29.46
C TYR A 29 0.26 4.72 30.86
N ARG A 30 0.29 3.53 31.46
CA ARG A 30 0.82 3.41 32.82
C ARG A 30 2.37 3.47 32.88
N GLU A 31 3.05 2.92 31.86
CA GLU A 31 4.52 2.87 31.82
C GLU A 31 5.09 3.60 30.58
N HIS A 32 4.26 4.39 29.87
CA HIS A 32 4.65 5.09 28.65
C HIS A 32 4.13 6.51 28.58
N PRO A 33 4.70 7.40 27.73
CA PRO A 33 4.20 8.79 27.70
C PRO A 33 2.72 8.90 27.36
N LYS A 34 2.06 9.82 28.04
CA LYS A 34 0.65 10.05 27.85
C LYS A 34 0.38 10.78 26.53
N LEU A 35 -0.73 10.44 25.84
CA LEU A 35 -1.13 11.10 24.58
C LEU A 35 -2.40 11.93 24.80
N LYS A 36 -2.65 12.91 23.93
CA LYS A 36 -3.82 13.79 24.13
C LYS A 36 -4.81 13.74 23.01
N ALA A 37 -4.32 13.64 21.77
CA ALA A 37 -5.14 13.66 20.58
C ALA A 37 -6.16 12.51 20.49
N PRO A 38 -5.90 11.25 20.96
CA PRO A 38 -6.92 10.18 20.81
C PRO A 38 -8.32 10.53 21.32
N LEU A 39 -8.44 11.26 22.42
CA LEU A 39 -9.73 11.68 22.99
C LEU A 39 -10.59 12.45 21.97
N VAL A 40 -10.03 13.49 21.37
CA VAL A 40 -10.68 14.40 20.43
C VAL A 40 -10.98 13.69 19.09
N ASP A 41 -9.97 12.97 18.58
CA ASP A 41 -10.05 12.24 17.32
C ASP A 41 -11.11 11.14 17.35
N VAL A 42 -11.13 10.32 18.42
CA VAL A 42 -12.11 9.24 18.58
C VAL A 42 -13.52 9.85 18.67
N TYR A 43 -13.69 10.94 19.42
CA TYR A 43 -14.98 11.61 19.58
C TYR A 43 -15.54 12.17 18.27
N GLU A 44 -14.70 12.89 17.52
CA GLU A 44 -15.13 13.51 16.27
C GLU A 44 -15.33 12.49 15.17
N LEU A 45 -14.45 11.49 15.07
CA LEU A 45 -14.63 10.44 14.09
C LEU A 45 -15.95 9.69 14.34
N THR A 46 -16.31 9.43 15.62
CA THR A 46 -17.58 8.77 16.02
C THR A 46 -18.80 9.53 15.47
N ASN A 47 -18.79 10.85 15.65
CA ASN A 47 -19.89 11.68 15.19
C ASN A 47 -20.01 11.70 13.69
N LEU A 48 -18.87 11.76 12.99
CA LEU A 48 -18.83 11.75 11.53
C LEU A 48 -19.35 10.44 10.96
N LEU A 49 -18.92 9.30 11.52
CA LEU A 49 -19.36 7.99 11.04
C LEU A 49 -20.85 7.75 11.31
N ARG A 50 -21.38 8.38 12.38
CA ARG A 50 -22.79 8.32 12.77
C ARG A 50 -23.63 9.03 11.70
N GLN A 51 -23.15 10.20 11.20
CA GLN A 51 -23.78 10.95 10.10
C GLN A 51 -23.86 10.11 8.84
N LEU A 52 -22.93 9.13 8.69
CA LEU A 52 -22.82 8.22 7.55
C LEU A 52 -23.56 6.91 7.76
N ASP A 53 -24.32 6.83 8.86
CA ASP A 53 -25.19 5.70 9.27
C ASP A 53 -24.43 4.46 9.76
N PHE A 54 -23.24 4.67 10.35
CA PHE A 54 -22.48 3.60 10.98
C PHE A 54 -23.00 3.45 12.40
N LYS A 55 -23.01 2.21 12.90
CA LYS A 55 -23.23 1.90 14.31
C LYS A 55 -21.76 1.92 14.82
N VAL A 56 -21.46 2.72 15.87
CA VAL A 56 -20.08 2.86 16.33
C VAL A 56 -19.87 2.40 17.76
N VAL A 57 -18.74 1.74 18.04
CA VAL A 57 -18.27 1.46 19.40
C VAL A 57 -16.99 2.30 19.54
N SER A 58 -16.97 3.21 20.51
CA SER A 58 -15.87 4.15 20.78
C SER A 58 -15.32 3.84 22.15
N LEU A 59 -14.07 3.39 22.22
CA LEU A 59 -13.47 2.99 23.49
C LEU A 59 -12.18 3.69 23.78
N LEU A 60 -12.03 4.19 25.02
CA LEU A 60 -10.78 4.85 25.43
C LEU A 60 -10.00 4.03 26.40
N ASP A 61 -8.66 4.17 26.38
CA ASP A 61 -7.71 3.56 27.32
C ASP A 61 -7.95 2.08 27.64
N LEU A 62 -7.74 1.21 26.65
CA LEU A 62 -7.96 -0.23 26.85
C LEU A 62 -6.68 -0.99 27.12
N THR A 63 -6.76 -1.98 28.00
CA THR A 63 -5.65 -2.88 28.30
C THR A 63 -5.57 -3.91 27.15
N GLU A 64 -4.53 -4.77 27.16
CA GLU A 64 -4.36 -5.82 26.17
C GLU A 64 -5.58 -6.73 26.01
N TYR A 65 -6.04 -7.34 27.11
CA TYR A 65 -7.21 -8.24 27.14
C TYR A 65 -8.49 -7.54 26.61
N GLU A 66 -8.68 -6.26 26.98
CA GLU A 66 -9.82 -5.42 26.54
C GLU A 66 -9.79 -5.17 25.05
N MET A 67 -8.61 -4.79 24.51
CA MET A 67 -8.43 -4.56 23.07
C MET A 67 -8.67 -5.83 22.22
N ARG A 68 -8.18 -6.98 22.69
CA ARG A 68 -8.36 -8.27 22.01
C ARG A 68 -9.81 -8.65 21.95
N ASN A 69 -10.56 -8.47 23.07
CA ASN A 69 -12.00 -8.77 23.14
C ASN A 69 -12.76 -7.90 22.18
N ALA A 70 -12.45 -6.56 22.18
CA ALA A 70 -13.10 -5.58 21.31
C ALA A 70 -12.87 -5.90 19.83
N VAL A 71 -11.60 -6.13 19.41
CA VAL A 71 -11.24 -6.44 18.00
C VAL A 71 -11.85 -7.78 17.54
N ASP A 72 -11.72 -8.88 18.33
CA ASP A 72 -12.33 -10.18 18.00
C ASP A 72 -13.85 -10.10 17.81
N GLU A 73 -14.54 -9.29 18.63
CA GLU A 73 -16.00 -9.12 18.51
C GLU A 73 -16.39 -8.25 17.33
N PHE A 74 -15.54 -7.26 16.97
CA PHE A 74 -15.78 -6.41 15.80
C PHE A 74 -15.74 -7.27 14.52
N LEU A 75 -14.75 -8.14 14.43
CA LEU A 75 -14.51 -9.03 13.30
C LEU A 75 -15.67 -9.98 13.03
N LEU A 76 -16.33 -10.46 14.10
CA LEU A 76 -17.47 -11.38 14.01
C LEU A 76 -18.69 -10.72 13.35
N LEU A 77 -18.73 -9.37 13.35
CA LEU A 77 -19.79 -8.57 12.74
C LEU A 77 -19.61 -8.46 11.24
N LEU A 78 -18.42 -8.80 10.73
CA LEU A 78 -18.08 -8.57 9.34
C LEU A 78 -18.61 -9.67 8.38
N ASP A 79 -19.94 -9.70 8.23
CA ASP A 79 -20.65 -10.63 7.35
C ASP A 79 -20.53 -10.14 5.90
N LYS A 80 -20.96 -10.98 4.91
CA LYS A 80 -20.93 -10.67 3.47
C LYS A 80 -21.63 -9.35 3.17
N GLY A 81 -20.93 -8.43 2.51
CA GLY A 81 -21.43 -7.12 2.12
C GLY A 81 -21.42 -6.04 3.18
N VAL A 82 -21.01 -6.38 4.41
CA VAL A 82 -20.97 -5.40 5.50
C VAL A 82 -19.79 -4.44 5.26
N TYR A 83 -19.96 -3.14 5.59
CA TYR A 83 -18.91 -2.15 5.53
C TYR A 83 -18.41 -2.02 6.95
N GLY A 84 -17.12 -2.26 7.14
CA GLY A 84 -16.48 -2.16 8.44
C GLY A 84 -15.46 -1.05 8.47
N LEU A 85 -15.27 -0.44 9.63
CA LEU A 85 -14.21 0.52 9.83
C LEU A 85 -13.59 0.26 11.20
N LEU A 86 -12.26 0.02 11.22
CA LEU A 86 -11.50 -0.15 12.45
C LEU A 86 -10.54 1.02 12.55
N TYR A 87 -10.59 1.76 13.66
CA TYR A 87 -9.69 2.90 13.88
C TYR A 87 -8.96 2.74 15.20
N TYR A 88 -7.64 2.92 15.16
CA TYR A 88 -6.87 2.89 16.37
C TYR A 88 -5.99 4.12 16.45
N ALA A 89 -6.02 4.81 17.58
CA ALA A 89 -5.15 5.96 17.86
C ALA A 89 -4.49 5.70 19.24
N GLY A 90 -3.17 5.83 19.31
CA GLY A 90 -2.37 5.63 20.51
C GLY A 90 -0.94 5.32 20.14
N HIS A 91 -0.17 4.63 21.02
CA HIS A 91 1.19 4.23 20.73
C HIS A 91 1.20 3.00 19.82
N GLY A 92 2.23 2.97 18.98
CA GLY A 92 2.50 1.89 18.05
C GLY A 92 3.96 1.46 18.11
N TYR A 93 4.19 0.25 17.68
CA TYR A 93 5.46 -0.45 17.72
C TYR A 93 5.72 -1.11 16.37
N GLU A 94 6.95 -1.00 15.86
CA GLU A 94 7.42 -1.64 14.62
C GLU A 94 8.57 -2.57 14.98
N ASN A 95 8.47 -3.84 14.57
CA ASN A 95 9.47 -4.86 14.86
C ASN A 95 9.58 -5.83 13.70
N PHE A 96 10.64 -5.63 12.88
CA PHE A 96 10.96 -6.40 11.66
C PHE A 96 9.85 -6.29 10.59
N GLY A 97 9.49 -5.05 10.25
CA GLY A 97 8.46 -4.76 9.26
C GLY A 97 7.01 -4.89 9.72
N ASN A 98 6.79 -5.62 10.85
CA ASN A 98 5.46 -5.82 11.44
C ASN A 98 5.09 -4.72 12.44
N SER A 99 3.87 -4.13 12.30
CA SER A 99 3.39 -3.10 13.23
C SER A 99 2.45 -3.70 14.32
N PHE A 100 2.44 -3.05 15.47
CA PHE A 100 1.69 -3.47 16.65
C PHE A 100 1.01 -2.28 17.33
N MET A 101 -0.20 -2.49 17.85
CA MET A 101 -0.96 -1.49 18.59
C MET A 101 -0.64 -1.72 20.08
N VAL A 102 -0.16 -0.67 20.75
CA VAL A 102 0.28 -0.74 22.14
C VAL A 102 -0.85 -0.45 23.15
N PRO A 103 -1.26 -1.45 23.96
CA PRO A 103 -2.30 -1.22 24.97
C PRO A 103 -1.77 -0.41 26.15
N VAL A 104 -2.67 0.20 26.96
CA VAL A 104 -2.27 1.11 28.09
C VAL A 104 -1.54 0.41 29.23
N ASP A 105 -1.71 -0.93 29.39
CA ASP A 105 -1.06 -1.72 30.43
C ASP A 105 0.27 -2.33 29.95
N ALA A 106 0.75 -1.92 28.75
CA ALA A 106 2.03 -2.42 28.19
C ALA A 106 3.19 -2.14 29.14
N PRO A 107 4.06 -3.13 29.38
CA PRO A 107 5.18 -2.88 30.30
C PRO A 107 6.26 -2.08 29.57
N ASN A 108 7.19 -1.52 30.33
CA ASN A 108 8.30 -0.81 29.72
C ASN A 108 9.60 -1.60 30.00
N PRO A 109 10.35 -2.11 28.98
CA PRO A 109 10.13 -2.02 27.52
C PRO A 109 8.99 -2.94 27.08
N TYR A 110 8.41 -2.70 25.91
CA TYR A 110 7.30 -3.58 25.56
C TYR A 110 7.73 -4.63 24.57
N ARG A 111 6.96 -5.71 24.52
CA ARG A 111 7.17 -6.85 23.68
C ARG A 111 5.96 -7.03 22.80
N SER A 112 6.16 -7.68 21.64
CA SER A 112 5.10 -7.94 20.66
C SER A 112 3.93 -8.76 21.25
N GLU A 113 4.22 -9.64 22.23
CA GLU A 113 3.26 -10.51 22.92
C GLU A 113 2.20 -9.73 23.72
N ASN A 114 2.59 -8.55 24.22
CA ASN A 114 1.72 -7.67 25.02
C ASN A 114 0.89 -6.77 24.11
N CYS A 115 1.24 -6.71 22.83
CA CYS A 115 0.66 -5.84 21.83
C CYS A 115 -0.22 -6.57 20.86
N LEU A 116 -1.02 -5.80 20.08
CA LEU A 116 -1.91 -6.39 19.07
C LEU A 116 -1.28 -6.31 17.70
N CYS A 117 -1.08 -7.50 17.06
CA CYS A 117 -0.47 -7.60 15.74
C CYS A 117 -1.39 -7.10 14.63
N VAL A 118 -0.95 -6.05 13.94
CA VAL A 118 -1.69 -5.40 12.84
C VAL A 118 -1.93 -6.36 11.65
N GLN A 119 -0.86 -7.02 11.19
CA GLN A 119 -0.84 -7.96 10.08
C GLN A 119 -1.73 -9.16 10.31
N ASN A 120 -1.87 -9.60 11.57
CA ASN A 120 -2.78 -10.72 11.87
C ASN A 120 -4.23 -10.28 11.71
N ILE A 121 -4.55 -9.01 12.08
CA ILE A 121 -5.89 -8.42 11.92
C ILE A 121 -6.20 -8.29 10.41
N LEU A 122 -5.22 -7.82 9.59
CA LEU A 122 -5.37 -7.73 8.14
C LEU A 122 -5.63 -9.14 7.55
N LYS A 123 -4.89 -10.14 8.00
CA LYS A 123 -5.05 -11.53 7.59
C LYS A 123 -6.49 -12.00 7.91
N LEU A 124 -6.98 -11.73 9.14
CA LEU A 124 -8.34 -12.10 9.55
C LEU A 124 -9.39 -11.35 8.77
N MET A 125 -9.12 -10.10 8.39
CA MET A 125 -10.01 -9.29 7.58
C MET A 125 -10.10 -9.85 6.15
N GLN A 126 -8.97 -10.36 5.61
CA GLN A 126 -8.87 -10.95 4.26
C GLN A 126 -9.83 -12.14 4.07
N GLU A 127 -10.03 -12.94 5.13
CA GLU A 127 -10.92 -14.11 5.21
C GLU A 127 -12.41 -13.72 5.12
N LYS A 128 -12.73 -12.41 5.17
CA LYS A 128 -14.10 -11.88 5.15
C LYS A 128 -14.55 -11.52 3.75
N GLU A 129 -15.87 -11.53 3.54
CA GLU A 129 -16.48 -11.19 2.26
C GLU A 129 -17.20 -9.84 2.39
N THR A 130 -16.59 -8.92 3.16
CA THR A 130 -17.07 -7.56 3.39
C THR A 130 -17.16 -6.80 2.08
N GLY A 131 -18.08 -5.84 2.01
CA GLY A 131 -18.23 -4.97 0.85
C GLY A 131 -17.12 -3.93 0.84
N LEU A 132 -16.67 -3.56 2.05
CA LEU A 132 -15.60 -2.61 2.33
C LEU A 132 -15.11 -2.79 3.75
N ASN A 133 -13.79 -2.82 3.91
CA ASN A 133 -13.15 -2.88 5.20
C ASN A 133 -12.04 -1.86 5.27
N VAL A 134 -12.24 -0.85 6.10
CA VAL A 134 -11.30 0.25 6.27
C VAL A 134 -10.59 0.11 7.62
N PHE A 135 -9.26 -0.10 7.61
CA PHE A 135 -8.48 -0.22 8.84
C PHE A 135 -7.54 0.96 8.85
N LEU A 136 -7.80 1.92 9.74
CA LEU A 136 -7.00 3.15 9.89
C LEU A 136 -6.19 3.11 11.19
N LEU A 137 -4.86 3.18 11.06
CA LEU A 137 -3.95 3.24 12.20
C LEU A 137 -3.42 4.65 12.28
N ASP A 138 -3.59 5.27 13.41
CA ASP A 138 -3.13 6.64 13.64
C ASP A 138 -2.20 6.55 14.86
N MET A 139 -0.97 6.08 14.63
CA MET A 139 -0.05 5.72 15.69
C MET A 139 1.13 6.61 15.93
N CYS A 140 1.58 6.56 17.18
CA CYS A 140 2.77 7.24 17.65
C CYS A 140 3.92 6.21 17.59
N ARG A 141 4.89 6.49 16.67
CA ARG A 141 6.11 5.73 16.27
C ARG A 141 5.78 4.36 15.65
N VAL A 158 -15.25 -14.79 -2.39
CA VAL A 158 -15.53 -13.35 -2.44
C VAL A 158 -14.41 -12.56 -1.72
N THR A 159 -13.88 -11.50 -2.39
CA THR A 159 -12.81 -10.65 -1.89
C THR A 159 -13.26 -9.79 -0.69
N ALA A 160 -12.28 -9.23 0.07
CA ALA A 160 -12.57 -8.47 1.28
C ALA A 160 -12.66 -6.93 1.08
N ASN A 161 -12.07 -6.37 -0.01
CA ASN A 161 -12.03 -4.93 -0.31
C ASN A 161 -11.48 -4.13 0.88
N ILE A 162 -10.25 -4.48 1.30
CA ILE A 162 -9.55 -3.86 2.42
C ILE A 162 -8.83 -2.60 1.94
N VAL A 163 -8.98 -1.52 2.70
CA VAL A 163 -8.30 -0.24 2.51
C VAL A 163 -7.61 0.01 3.86
N PHE A 164 -6.28 0.00 3.87
CA PHE A 164 -5.48 0.17 5.07
C PHE A 164 -4.76 1.50 5.02
N GLY A 165 -4.96 2.31 6.03
CA GLY A 165 -4.32 3.62 6.17
C GLY A 165 -3.43 3.58 7.38
N TYR A 166 -2.12 3.72 7.18
CA TYR A 166 -1.12 3.69 8.24
C TYR A 166 -0.46 5.07 8.39
N ALA A 167 -0.92 5.82 9.39
CA ALA A 167 -0.42 7.14 9.70
C ALA A 167 0.56 7.09 10.90
N THR A 168 1.69 7.81 10.82
CA THR A 168 2.76 7.91 11.83
C THR A 168 3.13 9.41 12.04
N CYS A 169 2.36 10.13 12.86
CA CYS A 169 2.55 11.56 13.19
C CYS A 169 1.99 11.92 14.57
N GLN A 170 1.45 10.93 15.29
CA GLN A 170 0.87 11.03 16.63
C GLN A 170 1.98 11.23 17.67
N SER A 180 -3.37 23.34 21.14
CA SER A 180 -2.95 22.36 22.15
C SER A 180 -4.11 21.81 22.99
N GLY A 181 -3.89 20.60 23.53
CA GLY A 181 -4.75 19.86 24.45
C GLY A 181 -6.01 19.24 23.90
N LEU A 182 -6.89 20.10 23.36
CA LEU A 182 -8.17 19.73 22.76
C LEU A 182 -8.04 19.76 21.24
N ALA A 183 -6.80 19.88 20.75
CA ALA A 183 -6.48 19.88 19.34
C ALA A 183 -6.58 18.46 18.78
N ASN A 184 -6.93 18.35 17.49
CA ASN A 184 -6.92 17.08 16.79
C ASN A 184 -5.48 16.73 16.43
N GLY A 185 -5.25 15.45 16.13
CA GLY A 185 -3.98 14.96 15.61
C GLY A 185 -3.91 15.36 14.16
N ILE A 186 -2.71 15.35 13.55
CA ILE A 186 -2.54 15.77 12.15
C ILE A 186 -3.46 14.98 11.23
N PHE A 187 -3.48 13.64 11.34
CA PHE A 187 -4.28 12.79 10.48
C PHE A 187 -5.79 13.08 10.56
N MET A 188 -6.37 13.18 11.77
CA MET A 188 -7.79 13.47 11.91
C MET A 188 -8.16 14.87 11.43
N LYS A 189 -7.27 15.87 11.67
CA LYS A 189 -7.45 17.25 11.22
C LYS A 189 -7.80 17.31 9.72
N PHE A 190 -7.08 16.54 8.89
CA PHE A 190 -7.27 16.46 7.44
C PHE A 190 -8.34 15.47 7.04
N LEU A 191 -8.48 14.37 7.81
CA LEU A 191 -9.47 13.34 7.53
C LEU A 191 -10.89 13.84 7.76
N LYS A 192 -11.13 14.57 8.86
CA LYS A 192 -12.46 15.08 9.21
C LYS A 192 -13.06 16.09 8.20
N ASP A 193 -12.22 16.82 7.47
CA ASP A 193 -12.72 17.78 6.47
C ASP A 193 -13.05 17.14 5.11
N ARG A 194 -12.77 15.84 4.95
CA ARG A 194 -12.98 15.12 3.69
C ARG A 194 -13.88 13.89 3.81
N LEU A 195 -14.01 13.31 5.01
CA LEU A 195 -14.69 12.05 5.28
C LEU A 195 -16.17 11.98 4.84
N LEU A 196 -16.91 13.10 4.85
CA LEU A 196 -18.33 13.08 4.45
C LEU A 196 -18.56 13.17 2.94
N GLU A 197 -17.49 13.33 2.15
CA GLU A 197 -17.56 13.43 0.69
C GLU A 197 -17.95 12.10 0.04
N ASP A 198 -18.91 12.17 -0.90
CA ASP A 198 -19.41 11.04 -1.69
C ASP A 198 -18.32 10.84 -2.73
N LYS A 199 -17.32 10.03 -2.36
CA LYS A 199 -16.11 9.77 -3.16
C LYS A 199 -15.50 8.43 -2.73
N LYS A 200 -14.98 7.64 -3.69
CA LYS A 200 -14.28 6.37 -3.48
C LYS A 200 -13.25 6.56 -2.36
N ILE A 201 -13.29 5.70 -1.35
CA ILE A 201 -12.48 5.81 -0.13
C ILE A 201 -10.95 5.92 -0.42
N THR A 202 -10.43 5.14 -1.41
CA THR A 202 -9.04 5.13 -1.87
C THR A 202 -8.64 6.50 -2.42
N VAL A 203 -9.51 7.08 -3.25
CA VAL A 203 -9.34 8.42 -3.84
C VAL A 203 -9.34 9.48 -2.74
N LEU A 204 -10.27 9.35 -1.79
CA LEU A 204 -10.46 10.23 -0.64
C LEU A 204 -9.22 10.21 0.27
N LEU A 205 -8.68 9.01 0.59
CA LEU A 205 -7.47 8.91 1.42
C LEU A 205 -6.24 9.46 0.71
N ASP A 206 -6.20 9.34 -0.63
CA ASP A 206 -5.13 9.88 -1.48
C ASP A 206 -5.10 11.40 -1.39
N GLU A 207 -6.29 12.05 -1.41
CA GLU A 207 -6.42 13.51 -1.27
C GLU A 207 -6.03 13.98 0.12
N VAL A 208 -6.32 13.19 1.16
CA VAL A 208 -5.89 13.48 2.54
C VAL A 208 -4.35 13.46 2.60
N ALA A 209 -3.72 12.44 1.97
CA ALA A 209 -2.26 12.32 1.87
C ALA A 209 -1.66 13.56 1.18
N GLU A 210 -2.25 14.00 0.05
CA GLU A 210 -1.86 15.20 -0.69
C GLU A 210 -1.98 16.48 0.15
N ASP A 211 -3.12 16.65 0.88
CA ASP A 211 -3.37 17.82 1.74
C ASP A 211 -2.37 17.86 2.88
N MET A 212 -2.13 16.70 3.53
CA MET A 212 -1.20 16.44 4.65
C MET A 212 0.24 16.74 4.26
N GLY A 213 0.55 16.66 2.97
CA GLY A 213 1.86 16.94 2.42
C GLY A 213 2.09 18.42 2.14
N LYS A 214 1.43 19.30 2.94
CA LYS A 214 1.48 20.76 2.87
C LYS A 214 1.59 21.34 4.29
N CYS A 215 0.87 20.74 5.26
CA CYS A 215 0.89 21.08 6.69
C CYS A 215 2.35 21.15 7.16
N HIS A 216 2.71 22.25 7.86
CA HIS A 216 4.05 22.58 8.34
C HIS A 216 4.72 21.52 9.22
N LEU A 217 3.96 20.84 10.08
CA LEU A 217 4.50 19.80 10.98
C LEU A 217 4.87 18.49 10.25
N THR A 218 4.06 18.12 9.23
CA THR A 218 4.22 16.91 8.41
C THR A 218 4.71 17.23 7.00
N LYS A 219 5.29 18.43 6.80
CA LYS A 219 5.80 18.89 5.50
C LYS A 219 6.99 18.03 5.06
N GLY A 220 6.85 17.45 3.87
CA GLY A 220 7.87 16.59 3.26
C GLY A 220 8.24 15.35 4.04
N LYS A 221 7.29 14.83 4.86
CA LYS A 221 7.48 13.62 5.68
C LYS A 221 6.57 12.48 5.16
N GLN A 222 7.01 11.22 5.30
CA GLN A 222 6.20 10.05 4.93
C GLN A 222 5.33 9.75 6.19
N ALA A 223 4.21 10.50 6.33
CA ALA A 223 3.38 10.40 7.52
C ALA A 223 2.04 9.63 7.28
N LEU A 224 1.77 9.18 6.01
CA LEU A 224 0.60 8.38 5.66
C LEU A 224 0.86 7.37 4.53
N GLU A 225 0.76 6.06 4.83
CA GLU A 225 0.88 5.00 3.85
C GLU A 225 -0.52 4.38 3.65
N ILE A 226 -0.98 4.27 2.41
CA ILE A 226 -2.25 3.66 2.06
C ILE A 226 -1.99 2.38 1.31
N ARG A 227 -2.63 1.28 1.73
CA ARG A 227 -2.56 -0.03 1.08
C ARG A 227 -3.98 -0.41 0.71
N SER A 228 -4.19 -0.77 -0.53
CA SER A 228 -5.54 -1.07 -0.98
C SER A 228 -5.61 -2.25 -1.91
N SER A 229 -6.68 -3.02 -1.77
CA SER A 229 -7.03 -4.15 -2.62
C SER A 229 -8.46 -3.89 -3.19
N LEU A 230 -8.97 -2.66 -3.01
CA LEU A 230 -10.29 -2.23 -3.46
C LEU A 230 -10.34 -2.22 -5.00
N SER A 231 -11.19 -3.10 -5.57
CA SER A 231 -11.37 -3.26 -7.03
C SER A 231 -12.72 -2.74 -7.56
N GLU A 232 -13.51 -2.05 -6.70
CA GLU A 232 -14.85 -1.52 -7.04
C GLU A 232 -14.97 -0.11 -6.50
N LYS A 233 -15.94 0.65 -7.00
CA LYS A 233 -16.20 2.04 -6.58
C LYS A 233 -16.97 2.16 -5.21
N ARG A 234 -16.36 1.70 -4.10
CA ARG A 234 -16.96 1.75 -2.75
C ARG A 234 -16.63 3.03 -2.03
N ALA A 235 -17.60 3.57 -1.30
CA ALA A 235 -17.45 4.80 -0.52
C ALA A 235 -18.13 4.62 0.84
N LEU A 236 -17.72 5.41 1.84
CA LEU A 236 -18.32 5.33 3.18
C LEU A 236 -19.75 5.90 3.15
N THR A 237 -20.05 6.74 2.12
CA THR A 237 -21.34 7.38 1.89
C THR A 237 -22.36 6.44 1.21
N ASP A 238 -21.95 5.26 0.73
CA ASP A 238 -22.82 4.31 0.05
C ASP A 238 -24.05 3.96 0.90
N PRO A 239 -25.29 3.86 0.35
CA PRO A 239 -26.44 3.58 1.21
C PRO A 239 -26.50 2.14 1.69
N ILE A 240 -27.14 1.95 2.84
CA ILE A 240 -27.36 0.62 3.40
C ILE A 240 -28.57 0.02 2.67
N GLN A 241 -28.43 -1.22 2.16
CA GLN A 241 -29.45 -2.03 1.46
C GLN A 241 -30.75 -2.00 2.24
N GLY A 242 -31.89 -1.83 1.54
CA GLY A 242 -33.25 -1.80 2.11
C GLY A 242 -33.42 -2.72 3.30
N THR A 243 -33.19 -2.14 4.51
CA THR A 243 -33.12 -2.74 5.85
C THR A 243 -33.98 -4.03 6.02
N GLU A 244 -33.30 -5.20 5.88
CA GLU A 244 -33.90 -6.54 6.03
C GLU A 244 -34.00 -6.91 7.53
N TYR A 245 -34.75 -7.99 7.83
CA TYR A 245 -35.00 -8.40 9.21
C TYR A 245 -34.39 -9.78 9.55
N SER A 246 -33.26 -10.11 8.92
CA SER A 246 -32.57 -11.39 9.11
C SER A 246 -31.98 -11.54 10.54
N ALA A 247 -31.70 -12.80 10.96
CA ALA A 247 -31.11 -13.07 12.27
C ALA A 247 -29.69 -12.51 12.34
N GLU A 248 -28.99 -12.49 11.20
CA GLU A 248 -27.64 -11.92 11.06
C GLU A 248 -27.65 -10.42 11.38
N SER A 249 -28.61 -9.70 10.80
CA SER A 249 -28.83 -8.26 10.94
C SER A 249 -29.18 -7.91 12.40
N LEU A 250 -30.04 -8.75 13.00
CA LEU A 250 -30.53 -8.62 14.35
C LEU A 250 -29.41 -8.83 15.35
N VAL A 251 -28.53 -9.80 15.08
CA VAL A 251 -27.33 -10.06 15.90
C VAL A 251 -26.47 -8.75 16.02
N ARG A 252 -26.15 -8.12 14.87
CA ARG A 252 -25.33 -6.90 14.80
C ARG A 252 -25.96 -5.75 15.53
N ASN A 253 -27.24 -5.50 15.27
CA ASN A 253 -28.00 -4.43 15.91
C ASN A 253 -28.18 -4.64 17.40
N LEU A 254 -28.41 -5.89 17.84
CA LEU A 254 -28.59 -6.21 19.26
C LEU A 254 -27.31 -5.95 20.02
N GLN A 255 -26.19 -6.53 19.53
CA GLN A 255 -24.89 -6.41 20.18
C GLN A 255 -24.47 -4.94 20.36
N TRP A 256 -24.76 -4.11 19.37
CA TRP A 256 -24.44 -2.71 19.48
C TRP A 256 -25.40 -1.97 20.44
N ALA A 257 -26.72 -2.33 20.40
CA ALA A 257 -27.76 -1.73 21.25
C ALA A 257 -27.49 -2.01 22.74
N LYS A 258 -27.18 -3.27 23.05
CA LYS A 258 -26.83 -3.85 24.34
C LYS A 258 -25.69 -3.09 25.03
N ALA A 259 -24.76 -2.53 24.25
CA ALA A 259 -23.61 -1.81 24.80
C ALA A 259 -23.82 -0.30 24.90
N HIS A 260 -24.99 0.23 24.50
CA HIS A 260 -25.18 1.68 24.51
C HIS A 260 -26.41 2.10 25.31
N GLU A 261 -26.68 1.32 26.33
CA GLU A 261 -27.78 1.55 27.26
C GLU A 261 -27.38 2.46 28.42
N LEU A 262 -28.01 3.62 28.50
CA LEU A 262 -27.77 4.57 29.59
C LEU A 262 -28.87 4.42 30.63
N PRO A 263 -28.56 4.62 31.94
CA PRO A 263 -29.65 4.64 32.94
C PRO A 263 -30.56 5.85 32.68
N GLU A 264 -31.85 5.71 32.95
CA GLU A 264 -32.79 6.83 32.77
C GLU A 264 -32.62 7.84 33.87
N SER A 265 -32.94 9.11 33.58
CA SER A 265 -32.90 10.24 34.51
C SER A 265 -33.73 9.92 35.77
N MET A 266 -33.18 10.18 36.96
CA MET A 266 -33.84 9.88 38.24
C MET A 266 -34.17 11.11 39.06
N CYS A 267 -35.34 11.10 39.70
CA CYS A 267 -35.70 12.11 40.68
C CYS A 267 -35.68 11.46 42.07
N LEU A 268 -34.71 11.86 42.90
CA LEU A 268 -34.56 11.34 44.25
C LEU A 268 -35.19 12.29 45.25
N LYS A 269 -36.21 11.80 45.95
CA LYS A 269 -36.93 12.56 46.97
C LYS A 269 -36.39 12.19 48.34
N PHE A 270 -35.82 13.18 49.04
CA PHE A 270 -35.29 13.02 50.38
C PHE A 270 -36.41 13.29 51.41
N ASP A 271 -36.36 12.62 52.59
CA ASP A 271 -37.37 12.74 53.65
C ASP A 271 -37.67 14.19 54.07
N CYS A 272 -36.64 15.06 54.05
CA CYS A 272 -36.74 16.49 54.35
C CYS A 272 -37.52 17.28 53.27
N GLY A 273 -37.82 16.65 52.14
CA GLY A 273 -38.56 17.27 51.04
C GLY A 273 -37.74 17.72 49.86
N VAL A 274 -36.39 17.79 50.03
CA VAL A 274 -35.45 18.17 48.96
C VAL A 274 -35.49 17.10 47.84
N GLN A 275 -35.57 17.55 46.57
CA GLN A 275 -35.60 16.71 45.38
C GLN A 275 -34.37 16.95 44.51
N ILE A 276 -33.65 15.87 44.20
CA ILE A 276 -32.43 15.89 43.37
C ILE A 276 -32.68 15.16 42.06
N GLN A 277 -32.34 15.81 40.94
CA GLN A 277 -32.41 15.16 39.63
C GLN A 277 -31.01 14.65 39.31
N LEU A 278 -30.92 13.36 38.93
CA LEU A 278 -29.70 12.64 38.55
C LEU A 278 -29.81 12.34 37.07
N GLY A 279 -28.85 12.82 36.29
CA GLY A 279 -28.82 12.59 34.85
C GLY A 279 -27.57 11.84 34.44
N PHE A 280 -27.64 11.14 33.30
CA PHE A 280 -26.57 10.30 32.76
C PHE A 280 -26.36 10.56 31.27
N ALA A 281 -25.12 10.84 30.85
CA ALA A 281 -24.79 11.09 29.45
C ALA A 281 -23.61 10.22 29.04
N ALA A 282 -23.55 9.82 27.76
CA ALA A 282 -22.45 9.01 27.26
C ALA A 282 -21.49 9.90 26.48
N GLU A 283 -20.20 9.80 26.79
CA GLU A 283 -19.19 10.56 26.06
C GLU A 283 -18.55 9.60 25.07
N PHE A 284 -18.34 8.32 25.50
CA PHE A 284 -17.76 7.20 24.74
C PHE A 284 -18.51 5.95 25.20
N SER A 285 -18.27 4.79 24.57
CA SER A 285 -18.92 3.51 24.97
C SER A 285 -18.48 3.02 26.34
N ASN A 286 -17.33 3.54 26.85
CA ASN A 286 -16.84 3.16 28.18
C ASN A 286 -16.71 4.39 29.10
N VAL A 287 -17.37 5.51 28.72
CA VAL A 287 -17.31 6.78 29.45
C VAL A 287 -18.69 7.41 29.59
N MET A 288 -19.14 7.56 30.83
CA MET A 288 -20.40 8.16 31.22
C MET A 288 -20.20 9.38 32.13
N ILE A 289 -21.01 10.43 31.93
CA ILE A 289 -21.03 11.61 32.79
C ILE A 289 -22.30 11.56 33.62
N ILE A 290 -22.14 11.74 34.93
CA ILE A 290 -23.22 11.80 35.91
C ILE A 290 -23.34 13.28 36.31
N TYR A 291 -24.58 13.78 36.40
CA TYR A 291 -24.84 15.16 36.80
C TYR A 291 -26.07 15.25 37.70
N THR A 292 -25.97 16.12 38.71
CA THR A 292 -26.99 16.35 39.73
C THR A 292 -27.33 17.84 39.82
N SER A 293 -28.57 18.12 40.19
CA SER A 293 -29.09 19.47 40.47
C SER A 293 -30.21 19.36 41.51
N ILE A 294 -30.36 20.39 42.37
CA ILE A 294 -31.45 20.49 43.35
C ILE A 294 -32.61 21.02 42.55
N VAL A 295 -33.63 20.18 42.34
CA VAL A 295 -34.78 20.56 41.52
C VAL A 295 -35.89 21.18 42.41
N TYR A 296 -35.99 20.75 43.68
CA TYR A 296 -36.93 21.28 44.65
C TYR A 296 -36.30 21.39 46.03
N LYS A 297 -36.45 22.55 46.65
CA LYS A 297 -35.97 22.83 48.00
C LYS A 297 -37.16 23.43 48.79
N PRO A 298 -37.61 22.79 49.91
CA PRO A 298 -38.72 23.37 50.69
C PRO A 298 -38.34 24.74 51.29
N PRO A 299 -39.32 25.66 51.55
CA PRO A 299 -38.96 26.98 52.09
C PRO A 299 -38.24 26.97 53.43
N GLU A 300 -38.49 25.94 54.28
CA GLU A 300 -37.85 25.75 55.59
C GLU A 300 -36.33 25.48 55.52
N ILE A 301 -35.81 24.98 54.34
CA ILE A 301 -34.39 24.72 54.07
C ILE A 301 -33.78 26.01 53.49
N ILE A 302 -32.85 26.62 54.22
CA ILE A 302 -32.22 27.88 53.83
C ILE A 302 -31.04 27.68 52.84
N MET A 303 -30.40 26.49 52.87
CA MET A 303 -29.28 26.12 51.99
C MET A 303 -29.01 24.63 52.01
N CYS A 304 -28.72 24.03 50.83
CA CYS A 304 -28.37 22.62 50.70
C CYS A 304 -27.43 22.33 49.52
N ASP A 305 -26.70 21.22 49.66
CA ASP A 305 -25.71 20.71 48.73
C ASP A 305 -25.90 19.24 48.53
N ALA A 306 -25.89 18.83 47.26
CA ALA A 306 -25.99 17.44 46.82
C ALA A 306 -24.66 17.12 46.15
N TYR A 307 -24.15 15.91 46.43
CA TYR A 307 -22.90 15.44 45.85
C TYR A 307 -22.92 13.93 45.82
N VAL A 308 -22.22 13.38 44.84
CA VAL A 308 -22.16 11.94 44.64
C VAL A 308 -20.87 11.39 45.26
N THR A 309 -20.97 10.18 45.83
CA THR A 309 -19.84 9.55 46.52
C THR A 309 -19.97 8.03 46.55
N ASP A 310 -18.91 7.34 47.05
CA ASP A 310 -18.79 5.89 47.27
C ASP A 310 -19.09 5.07 46.02
N PHE A 311 -18.31 5.34 44.99
CA PHE A 311 -18.37 4.64 43.70
C PHE A 311 -17.62 3.30 43.81
N PRO A 312 -17.96 2.24 43.00
CA PRO A 312 -17.19 0.99 43.08
C PRO A 312 -15.69 1.22 42.95
N LEU A 313 -14.90 0.51 43.77
CA LEU A 313 -13.43 0.60 43.80
C LEU A 313 -12.82 0.36 42.42
N ASP A 314 -13.45 -0.53 41.61
CA ASP A 314 -13.07 -0.88 40.24
C ASP A 314 -12.98 0.32 39.31
N LEU A 315 -13.88 1.31 39.45
CA LEU A 315 -13.90 2.52 38.62
C LEU A 315 -12.77 3.51 38.94
N ASP A 316 -12.12 3.37 40.12
CA ASP A 316 -11.00 4.18 40.63
C ASP A 316 -11.26 5.70 40.52
N ILE A 317 -12.39 6.12 41.08
CA ILE A 317 -12.83 7.52 41.04
C ILE A 317 -12.16 8.33 42.12
N ASP A 318 -11.40 9.37 41.73
CA ASP A 318 -10.77 10.25 42.69
C ASP A 318 -11.80 11.33 43.06
N PRO A 319 -12.28 11.37 44.34
CA PRO A 319 -13.28 12.37 44.75
C PRO A 319 -12.95 13.83 44.43
N LYS A 320 -11.64 14.12 44.28
CA LYS A 320 -11.06 15.43 43.94
C LYS A 320 -11.52 15.88 42.53
N ASP A 321 -11.78 14.89 41.64
CA ASP A 321 -12.22 15.08 40.25
C ASP A 321 -13.74 15.04 40.08
N ALA A 322 -14.45 14.63 41.14
CA ALA A 322 -15.91 14.51 41.14
C ALA A 322 -16.59 15.82 41.58
N ASN A 323 -17.89 15.93 41.32
CA ASN A 323 -18.75 17.05 41.71
C ASN A 323 -18.19 18.42 41.30
N LYS A 324 -17.89 18.58 40.02
CA LYS A 324 -17.34 19.84 39.49
C LYS A 324 -18.46 20.73 38.96
N GLY A 325 -18.20 22.04 38.93
CA GLY A 325 -19.15 23.04 38.47
C GLY A 325 -19.29 23.07 36.96
N THR A 326 -18.28 22.56 36.23
CA THR A 326 -18.27 22.47 34.77
C THR A 326 -17.81 21.08 34.34
N PRO A 327 -18.30 20.56 33.18
CA PRO A 327 -17.82 19.25 32.70
C PRO A 327 -16.33 19.25 32.34
N GLU A 328 -15.81 20.38 31.81
CA GLU A 328 -14.40 20.57 31.44
C GLU A 328 -13.44 20.28 32.60
N GLU A 329 -13.87 20.56 33.84
CA GLU A 329 -13.08 20.31 35.06
C GLU A 329 -12.92 18.81 35.36
N THR A 330 -13.87 17.98 34.87
CA THR A 330 -13.86 16.52 35.03
C THR A 330 -13.01 15.83 33.95
N GLY A 331 -12.54 16.60 32.96
CA GLY A 331 -11.77 16.12 31.82
C GLY A 331 -12.67 15.72 30.68
N SER A 332 -13.90 16.28 30.66
CA SER A 332 -14.94 15.99 29.69
C SER A 332 -15.46 17.23 28.93
N TYR A 333 -14.62 17.81 28.05
CA TYR A 333 -15.08 18.97 27.29
C TYR A 333 -16.04 18.59 26.13
N LEU A 334 -15.81 17.40 25.52
CA LEU A 334 -16.49 16.98 24.30
C LEU A 334 -18.01 16.81 24.44
N VAL A 335 -18.52 16.30 25.58
CA VAL A 335 -19.96 16.17 25.69
C VAL A 335 -20.63 17.44 26.35
N SER A 336 -19.79 18.41 26.84
CA SER A 336 -20.16 19.66 27.56
C SER A 336 -21.36 20.47 26.97
N LYS A 337 -21.38 20.67 25.62
CA LYS A 337 -22.40 21.43 24.89
C LYS A 337 -23.80 20.86 25.03
N ASP A 338 -23.90 19.51 25.02
CA ASP A 338 -25.16 18.76 25.12
C ASP A 338 -25.62 18.53 26.55
N LEU A 339 -24.81 18.93 27.54
CA LEU A 339 -25.12 18.74 28.96
C LEU A 339 -25.92 19.89 29.56
N PRO A 340 -26.91 19.61 30.46
CA PRO A 340 -27.63 20.71 31.12
C PRO A 340 -26.66 21.52 31.97
N LYS A 341 -26.84 22.83 32.05
CA LYS A 341 -25.96 23.70 32.83
C LYS A 341 -26.40 23.82 34.28
N HIS A 342 -25.53 24.39 35.14
CA HIS A 342 -25.76 24.62 36.58
C HIS A 342 -26.03 23.32 37.35
N CYS A 343 -25.24 22.29 37.05
CA CYS A 343 -25.29 20.97 37.69
C CYS A 343 -23.92 20.72 38.31
N LEU A 344 -23.78 19.60 39.03
CA LEU A 344 -22.47 19.14 39.50
C LEU A 344 -22.15 17.89 38.65
N TYR A 345 -20.97 17.86 38.02
CA TYR A 345 -20.58 16.81 37.08
C TYR A 345 -19.50 15.90 37.59
N THR A 346 -19.68 14.60 37.29
CA THR A 346 -18.75 13.52 37.62
C THR A 346 -18.56 12.63 36.39
N ARG A 347 -17.31 12.43 36.00
CA ARG A 347 -16.95 11.62 34.86
C ARG A 347 -16.58 10.19 35.28
N LEU A 348 -17.34 9.19 34.82
CA LEU A 348 -17.05 7.79 35.08
C LEU A 348 -16.48 7.13 33.84
N SER A 349 -15.16 7.20 33.71
CA SER A 349 -14.43 6.56 32.62
C SER A 349 -14.09 5.10 33.05
N SER A 350 -13.48 4.31 32.16
CA SER A 350 -13.11 2.91 32.43
C SER A 350 -14.30 2.01 32.83
N LEU A 351 -15.47 2.24 32.21
CA LEU A 351 -16.67 1.44 32.52
C LEU A 351 -16.49 -0.06 32.34
N GLN A 352 -15.62 -0.51 31.42
CA GLN A 352 -15.33 -1.94 31.18
C GLN A 352 -14.67 -2.65 32.40
N LYS A 353 -14.18 -1.86 33.38
CA LYS A 353 -13.56 -2.37 34.61
C LYS A 353 -14.59 -2.70 35.69
N LEU A 354 -15.86 -2.35 35.46
CA LEU A 354 -16.98 -2.62 36.36
C LEU A 354 -17.36 -4.11 36.28
N LYS A 355 -17.12 -4.85 37.38
CA LYS A 355 -17.43 -6.29 37.47
C LYS A 355 -18.85 -6.52 38.00
N GLU A 356 -19.29 -5.65 38.93
CA GLU A 356 -20.57 -5.65 39.63
C GLU A 356 -21.55 -4.58 39.05
N HIS A 357 -22.66 -4.31 39.77
CA HIS A 357 -23.61 -3.28 39.42
C HIS A 357 -23.04 -1.91 39.82
N LEU A 358 -23.38 -0.86 39.07
CA LEU A 358 -22.92 0.47 39.39
C LEU A 358 -23.81 1.05 40.51
N VAL A 359 -23.27 0.94 41.73
CA VAL A 359 -23.87 1.37 42.99
C VAL A 359 -23.05 2.54 43.52
N PHE A 360 -23.73 3.62 43.94
CA PHE A 360 -23.09 4.81 44.50
C PHE A 360 -24.07 5.54 45.39
N THR A 361 -23.58 6.58 46.09
CA THR A 361 -24.36 7.35 47.05
C THR A 361 -24.55 8.79 46.61
N VAL A 362 -25.78 9.28 46.80
CA VAL A 362 -26.15 10.66 46.57
C VAL A 362 -26.30 11.24 47.98
N CYS A 363 -25.37 12.12 48.37
CA CYS A 363 -25.31 12.78 49.68
C CYS A 363 -25.95 14.13 49.68
N LEU A 364 -26.61 14.45 50.80
CA LEU A 364 -27.28 15.73 50.99
C LEU A 364 -26.89 16.38 52.31
N SER A 365 -26.34 17.60 52.23
CA SER A 365 -25.97 18.48 53.33
C SER A 365 -26.94 19.66 53.29
N TYR A 366 -27.78 19.82 54.32
CA TYR A 366 -28.76 20.90 54.35
C TYR A 366 -28.80 21.62 55.69
N GLN A 367 -29.43 22.81 55.69
CA GLN A 367 -29.51 23.68 56.86
C GLN A 367 -30.86 24.38 56.93
N TYR A 368 -31.59 24.17 58.04
CA TYR A 368 -32.90 24.75 58.27
C TYR A 368 -32.79 26.26 58.62
N SER A 369 -33.89 27.05 58.38
CA SER A 369 -33.89 28.49 58.69
C SER A 369 -33.78 28.74 60.20
N GLY A 370 -32.85 29.63 60.57
CA GLY A 370 -32.54 29.99 61.95
C GLY A 370 -31.44 29.15 62.55
N LEU A 371 -31.62 27.80 62.52
CA LEU A 371 -30.70 26.77 63.04
C LEU A 371 -29.26 26.89 62.50
N GLU A 372 -28.28 26.55 63.35
CA GLU A 372 -26.84 26.58 63.08
C GLU A 372 -26.36 25.26 62.49
N ASP A 373 -26.94 24.13 62.98
CA ASP A 373 -26.57 22.77 62.61
C ASP A 373 -26.86 22.42 61.16
N THR A 374 -25.93 21.66 60.56
CA THR A 374 -26.05 21.14 59.20
C THR A 374 -26.52 19.69 59.30
N VAL A 375 -27.69 19.40 58.73
CA VAL A 375 -28.30 18.06 58.72
C VAL A 375 -27.76 17.31 57.51
N GLU A 376 -27.51 16.01 57.67
CA GLU A 376 -26.98 15.16 56.61
C GLU A 376 -27.89 13.97 56.32
N ASP A 377 -28.09 13.67 55.02
CA ASP A 377 -28.85 12.51 54.57
C ASP A 377 -28.13 11.90 53.37
N LYS A 378 -28.51 10.67 53.01
CA LYS A 378 -27.93 9.93 51.90
C LYS A 378 -28.89 8.87 51.38
N GLN A 379 -28.78 8.58 50.10
CA GLN A 379 -29.57 7.58 49.39
C GLN A 379 -28.61 6.83 48.46
N GLU A 380 -28.68 5.50 48.52
CA GLU A 380 -27.88 4.62 47.68
C GLU A 380 -28.66 4.45 46.39
N VAL A 381 -27.94 4.47 45.25
CA VAL A 381 -28.51 4.36 43.90
C VAL A 381 -27.82 3.18 43.20
N ASN A 382 -28.60 2.32 42.53
CA ASN A 382 -28.07 1.19 41.74
C ASN A 382 -28.53 1.41 40.29
N VAL A 383 -27.59 1.66 39.37
CA VAL A 383 -27.98 1.92 37.97
C VAL A 383 -27.61 0.76 36.99
N GLY A 384 -27.28 -0.41 37.53
CA GLY A 384 -26.95 -1.62 36.78
C GLY A 384 -25.56 -1.57 36.18
N LYS A 385 -25.39 -2.16 34.97
CA LYS A 385 -24.11 -2.15 34.24
C LYS A 385 -24.31 -1.28 32.98
N PRO A 386 -24.01 0.03 33.06
CA PRO A 386 -24.27 0.90 31.91
C PRO A 386 -23.24 0.78 30.81
N LEU A 387 -23.67 1.06 29.57
CA LEU A 387 -22.85 1.11 28.38
C LEU A 387 -22.08 -0.22 28.19
N ILE A 388 -20.76 -0.21 27.87
CA ILE A 388 -19.96 -1.43 27.59
C ILE A 388 -19.86 -2.40 28.79
N ALA A 389 -20.16 -1.94 30.02
CA ALA A 389 -20.13 -2.78 31.24
C ALA A 389 -21.21 -3.89 31.20
N LYS A 390 -22.29 -3.68 30.39
CA LYS A 390 -23.34 -4.67 30.23
C LYS A 390 -22.84 -5.96 29.57
N LEU A 391 -21.73 -5.90 28.83
CA LEU A 391 -21.15 -7.03 28.11
C LEU A 391 -20.59 -8.12 29.04
N ASP A 392 -19.73 -7.79 30.04
CA ASP A 392 -19.14 -8.77 30.98
C ASP A 392 -18.27 -9.83 30.27
N ASP B 12 2.39 25.76 -8.77
CA ASP B 12 2.96 25.45 -10.09
C ASP B 12 3.16 23.92 -10.33
N GLN B 13 3.36 23.55 -11.62
CA GLN B 13 3.57 22.20 -12.15
C GLN B 13 4.73 21.42 -11.48
N PRO B 14 4.49 20.14 -11.07
CA PRO B 14 5.58 19.30 -10.51
C PRO B 14 6.54 18.85 -11.62
N LEU B 15 7.82 18.71 -11.26
CA LEU B 15 8.88 18.36 -12.21
C LEU B 15 9.79 17.25 -11.74
N ALA B 16 10.38 16.53 -12.70
CA ALA B 16 11.33 15.47 -12.44
C ALA B 16 12.75 16.01 -12.69
N LYS B 17 13.73 15.67 -11.82
CA LYS B 17 15.15 16.02 -12.08
C LYS B 17 15.59 15.20 -13.29
N ASP B 18 15.16 13.94 -13.32
CA ASP B 18 15.42 12.99 -14.38
C ASP B 18 14.35 11.91 -14.32
N LYS B 19 14.34 11.02 -15.30
CA LYS B 19 13.40 9.90 -15.40
C LYS B 19 14.19 8.66 -15.83
N VAL B 20 14.34 7.72 -14.89
CA VAL B 20 15.11 6.48 -15.08
C VAL B 20 14.27 5.25 -14.79
N ALA B 21 14.48 4.16 -15.56
CA ALA B 21 13.71 2.92 -15.39
C ALA B 21 14.50 1.65 -15.62
N LEU B 22 14.25 0.61 -14.79
CA LEU B 22 14.82 -0.74 -14.91
C LEU B 22 13.65 -1.74 -15.03
N LEU B 23 13.61 -2.45 -16.15
CA LEU B 23 12.58 -3.40 -16.49
C LEU B 23 13.24 -4.75 -16.65
N ILE B 24 12.81 -5.75 -15.84
CA ILE B 24 13.35 -7.12 -15.85
C ILE B 24 12.22 -8.11 -16.18
N GLY B 25 12.45 -8.93 -17.19
CA GLY B 25 11.51 -9.96 -17.64
C GLY B 25 12.16 -11.32 -17.58
N ASN B 26 11.70 -12.20 -16.65
CA ASN B 26 12.22 -13.56 -16.54
C ASN B 26 11.27 -14.60 -17.14
N MET B 27 11.78 -15.38 -18.10
CA MET B 27 10.99 -16.36 -18.87
C MET B 27 11.59 -17.76 -18.92
N ASN B 28 12.90 -17.84 -19.22
CA ASN B 28 13.69 -19.05 -19.43
C ASN B 28 14.23 -19.62 -18.12
N TYR B 29 13.32 -20.14 -17.30
CA TYR B 29 13.65 -20.72 -16.00
C TYR B 29 14.28 -22.10 -16.14
N ARG B 30 15.43 -22.29 -15.49
CA ARG B 30 16.21 -23.53 -15.50
C ARG B 30 15.46 -24.67 -14.78
N GLU B 31 14.90 -24.41 -13.56
CA GLU B 31 14.19 -25.40 -12.73
C GLU B 31 12.68 -25.15 -12.53
N HIS B 32 12.09 -24.17 -13.24
CA HIS B 32 10.68 -23.84 -13.03
C HIS B 32 9.91 -23.65 -14.34
N PRO B 33 8.56 -23.57 -14.36
CA PRO B 33 7.86 -23.41 -15.66
C PRO B 33 8.29 -22.16 -16.43
N LYS B 34 8.38 -22.30 -17.75
CA LYS B 34 8.76 -21.19 -18.61
C LYS B 34 7.60 -20.23 -18.80
N LEU B 35 7.88 -18.91 -18.87
CA LEU B 35 6.84 -17.89 -19.07
C LEU B 35 6.95 -17.25 -20.45
N LYS B 36 5.87 -16.63 -20.95
CA LYS B 36 5.92 -16.03 -22.28
C LYS B 36 5.63 -14.53 -22.29
N ALA B 37 4.71 -14.07 -21.43
CA ALA B 37 4.32 -12.67 -21.38
C ALA B 37 5.46 -11.70 -21.04
N PRO B 38 6.49 -12.01 -20.19
CA PRO B 38 7.53 -11.00 -19.90
C PRO B 38 8.21 -10.36 -21.13
N LEU B 39 8.43 -11.13 -22.21
CA LEU B 39 9.04 -10.63 -23.46
C LEU B 39 8.26 -9.42 -24.06
N VAL B 40 6.96 -9.57 -24.22
CA VAL B 40 6.04 -8.59 -24.81
C VAL B 40 5.81 -7.40 -23.88
N ASP B 41 5.57 -7.69 -22.59
CA ASP B 41 5.32 -6.70 -21.57
C ASP B 41 6.52 -5.78 -21.35
N VAL B 42 7.73 -6.35 -21.23
CA VAL B 42 8.96 -5.59 -21.07
C VAL B 42 9.21 -4.71 -22.30
N TYR B 43 9.00 -5.26 -23.51
CA TYR B 43 9.20 -4.50 -24.76
C TYR B 43 8.24 -3.32 -24.92
N GLU B 44 6.94 -3.54 -24.67
CA GLU B 44 5.94 -2.50 -24.80
C GLU B 44 6.02 -1.48 -23.69
N LEU B 45 6.26 -1.92 -22.44
CA LEU B 45 6.44 -0.96 -21.36
C LEU B 45 7.64 -0.03 -21.62
N THR B 46 8.75 -0.57 -22.18
CA THR B 46 9.96 0.18 -22.57
C THR B 46 9.61 1.31 -23.55
N ASN B 47 8.83 0.99 -24.59
CA ASN B 47 8.43 1.98 -25.59
C ASN B 47 7.53 3.05 -25.02
N LEU B 48 6.60 2.66 -24.12
CA LEU B 48 5.71 3.61 -23.46
C LEU B 48 6.45 4.57 -22.56
N LEU B 49 7.40 4.06 -21.75
CA LEU B 49 8.18 4.90 -20.85
C LEU B 49 9.12 5.85 -21.61
N ARG B 50 9.55 5.43 -22.82
CA ARG B 50 10.41 6.22 -23.72
C ARG B 50 9.61 7.43 -24.23
N GLN B 51 8.31 7.22 -24.57
CA GLN B 51 7.39 8.30 -24.96
C GLN B 51 7.24 9.32 -23.85
N LEU B 52 7.44 8.89 -22.58
CA LEU B 52 7.34 9.72 -21.39
C LEU B 52 8.66 10.33 -20.96
N ASP B 53 9.70 10.15 -21.79
CA ASP B 53 11.06 10.69 -21.66
C ASP B 53 11.90 9.99 -20.57
N PHE B 54 11.61 8.71 -20.32
CA PHE B 54 12.42 7.90 -19.41
C PHE B 54 13.60 7.34 -20.19
N LYS B 55 14.75 7.21 -19.53
CA LYS B 55 15.89 6.47 -20.04
C LYS B 55 15.59 5.06 -19.47
N VAL B 56 15.57 4.02 -20.33
CA VAL B 56 15.17 2.69 -19.87
C VAL B 56 16.27 1.65 -20.05
N VAL B 57 16.40 0.73 -19.07
CA VAL B 57 17.22 -0.47 -19.20
C VAL B 57 16.22 -1.64 -19.15
N SER B 58 16.21 -2.45 -20.21
CA SER B 58 15.30 -3.58 -20.39
C SER B 58 16.11 -4.84 -20.44
N LEU B 59 15.94 -5.72 -19.45
CA LEU B 59 16.75 -6.95 -19.36
C LEU B 59 15.91 -8.20 -19.29
N LEU B 60 16.28 -9.21 -20.08
CA LEU B 60 15.55 -10.48 -20.07
C LEU B 60 16.38 -11.58 -19.45
N ASP B 61 15.70 -12.55 -18.81
CA ASP B 61 16.29 -13.78 -18.25
C ASP B 61 17.57 -13.60 -17.45
N LEU B 62 17.48 -12.97 -16.28
CA LEU B 62 18.66 -12.72 -15.45
C LEU B 62 18.78 -13.72 -14.32
N THR B 63 20.02 -14.11 -14.03
CA THR B 63 20.36 -14.98 -12.90
C THR B 63 20.32 -14.13 -11.62
N GLU B 64 20.49 -14.75 -10.45
CA GLU B 64 20.51 -14.05 -9.16
C GLU B 64 21.52 -12.91 -9.11
N TYR B 65 22.80 -13.22 -9.39
CA TYR B 65 23.92 -12.26 -9.38
C TYR B 65 23.66 -11.08 -10.34
N GLU B 66 23.10 -11.38 -11.54
CA GLU B 66 22.75 -10.40 -12.57
C GLU B 66 21.66 -9.46 -12.11
N MET B 67 20.57 -10.00 -11.50
CA MET B 67 19.47 -9.19 -10.97
C MET B 67 19.91 -8.25 -9.85
N ARG B 68 20.77 -8.74 -8.95
CA ARG B 68 21.30 -7.95 -7.84
C ARG B 68 22.12 -6.79 -8.35
N ASN B 69 23.00 -7.03 -9.36
CA ASN B 69 23.84 -5.99 -9.97
C ASN B 69 22.99 -4.92 -10.63
N ALA B 70 21.97 -5.36 -11.40
CA ALA B 70 21.06 -4.47 -12.11
C ALA B 70 20.27 -3.57 -11.12
N VAL B 71 19.64 -4.16 -10.08
CA VAL B 71 18.85 -3.44 -9.06
C VAL B 71 19.73 -2.46 -8.25
N ASP B 72 20.90 -2.92 -7.73
CA ASP B 72 21.84 -2.06 -6.99
C ASP B 72 22.30 -0.86 -7.79
N GLU B 73 22.53 -1.03 -9.10
CA GLU B 73 22.97 0.08 -9.96
C GLU B 73 21.83 1.03 -10.31
N PHE B 74 20.60 0.51 -10.43
CA PHE B 74 19.42 1.35 -10.68
C PHE B 74 19.20 2.31 -9.49
N LEU B 75 19.32 1.78 -8.27
CA LEU B 75 19.13 2.51 -7.02
C LEU B 75 20.12 3.66 -6.86
N LEU B 76 21.37 3.51 -7.34
CA LEU B 76 22.41 4.54 -7.27
C LEU B 76 22.07 5.76 -8.12
N LEU B 77 21.17 5.59 -9.11
CA LEU B 77 20.71 6.65 -10.02
C LEU B 77 19.64 7.52 -9.35
N LEU B 78 19.08 7.04 -8.23
CA LEU B 78 17.94 7.70 -7.61
C LEU B 78 18.33 8.88 -6.70
N ASP B 79 18.82 9.95 -7.34
CA ASP B 79 19.22 11.21 -6.69
C ASP B 79 17.96 12.04 -6.35
N LYS B 80 18.12 13.12 -5.56
CA LYS B 80 17.05 14.02 -5.12
C LYS B 80 16.23 14.54 -6.31
N GLY B 81 14.92 14.30 -6.30
CA GLY B 81 14.00 14.74 -7.34
C GLY B 81 13.89 13.87 -8.56
N VAL B 82 14.69 12.80 -8.63
CA VAL B 82 14.65 11.90 -9.78
C VAL B 82 13.38 11.05 -9.71
N TYR B 83 12.77 10.75 -10.86
CA TYR B 83 11.62 9.84 -10.96
C TYR B 83 12.20 8.51 -11.40
N GLY B 84 11.95 7.49 -10.59
CA GLY B 84 12.38 6.14 -10.89
C GLY B 84 11.21 5.20 -11.11
N LEU B 85 11.42 4.19 -11.96
CA LEU B 85 10.44 3.15 -12.14
C LEU B 85 11.18 1.82 -12.21
N LEU B 86 10.80 0.86 -11.35
CA LEU B 86 11.34 -0.49 -11.34
C LEU B 86 10.19 -1.43 -11.71
N TYR B 87 10.38 -2.25 -12.74
CA TYR B 87 9.37 -3.21 -13.16
C TYR B 87 9.96 -4.62 -13.21
N TYR B 88 9.27 -5.58 -12.60
CA TYR B 88 9.72 -6.95 -12.67
C TYR B 88 8.56 -7.82 -13.11
N ALA B 89 8.79 -8.67 -14.11
CA ALA B 89 7.82 -9.66 -14.59
C ALA B 89 8.54 -11.01 -14.63
N GLY B 90 7.92 -11.97 -13.98
CA GLY B 90 8.42 -13.33 -13.86
C GLY B 90 7.81 -14.07 -12.69
N HIS B 91 8.49 -15.14 -12.24
CA HIS B 91 8.03 -15.88 -11.07
C HIS B 91 8.32 -15.11 -9.81
N GLY B 92 7.37 -15.18 -8.92
CA GLY B 92 7.46 -14.57 -7.60
C GLY B 92 6.83 -15.45 -6.57
N TYR B 93 7.27 -15.32 -5.31
CA TYR B 93 6.67 -16.07 -4.24
C TYR B 93 6.61 -15.29 -2.93
N GLU B 94 5.72 -15.71 -2.05
CA GLU B 94 5.52 -15.11 -0.75
C GLU B 94 5.84 -16.13 0.35
N ASN B 95 6.65 -15.71 1.33
CA ASN B 95 7.08 -16.51 2.49
C ASN B 95 6.99 -15.65 3.75
N PHE B 96 5.90 -15.88 4.53
CA PHE B 96 5.57 -15.18 5.77
C PHE B 96 5.37 -13.66 5.57
N GLY B 97 4.48 -13.33 4.64
CA GLY B 97 4.15 -11.94 4.29
C GLY B 97 5.14 -11.23 3.39
N ASN B 98 6.41 -11.73 3.31
CA ASN B 98 7.47 -11.17 2.48
C ASN B 98 7.47 -11.75 1.06
N SER B 99 7.51 -10.87 0.02
CA SER B 99 7.58 -11.34 -1.37
C SER B 99 9.02 -11.32 -1.92
N PHE B 100 9.28 -12.20 -2.88
CA PHE B 100 10.60 -12.39 -3.49
C PHE B 100 10.48 -12.54 -5.01
N MET B 101 11.46 -11.98 -5.74
CA MET B 101 11.56 -12.08 -7.21
C MET B 101 12.47 -13.28 -7.50
N VAL B 102 11.96 -14.23 -8.27
CA VAL B 102 12.66 -15.47 -8.59
C VAL B 102 13.55 -15.37 -9.84
N PRO B 103 14.90 -15.47 -9.67
CA PRO B 103 15.80 -15.41 -10.85
C PRO B 103 15.74 -16.71 -11.66
N VAL B 104 16.20 -16.69 -12.93
CA VAL B 104 16.09 -17.87 -13.84
C VAL B 104 16.95 -19.08 -13.41
N ASP B 105 18.01 -18.85 -12.61
CA ASP B 105 18.90 -19.91 -12.12
C ASP B 105 18.45 -20.47 -10.74
N ALA B 106 17.24 -20.09 -10.25
CA ALA B 106 16.68 -20.54 -8.95
C ALA B 106 16.41 -22.05 -8.89
N PRO B 107 16.94 -22.74 -7.85
CA PRO B 107 16.72 -24.20 -7.76
C PRO B 107 15.32 -24.54 -7.30
N ASN B 108 14.83 -25.73 -7.66
CA ASN B 108 13.48 -26.21 -7.29
C ASN B 108 13.60 -27.07 -6.02
N PRO B 109 12.96 -26.72 -4.87
CA PRO B 109 12.07 -25.55 -4.63
C PRO B 109 12.83 -24.27 -4.24
N TYR B 110 12.15 -23.11 -4.34
CA TYR B 110 12.71 -21.79 -4.01
C TYR B 110 13.33 -21.76 -2.60
N ARG B 111 14.31 -20.87 -2.39
CA ARG B 111 14.97 -20.62 -1.11
C ARG B 111 15.18 -19.09 -1.13
N SER B 112 14.58 -18.35 -0.18
CA SER B 112 14.63 -16.89 -0.10
C SER B 112 16.02 -16.27 -0.35
N GLU B 113 17.09 -16.97 0.06
CA GLU B 113 18.49 -16.53 -0.10
C GLU B 113 18.97 -16.52 -1.59
N ASN B 114 18.28 -17.28 -2.49
CA ASN B 114 18.53 -17.35 -3.93
C ASN B 114 17.70 -16.30 -4.68
N CYS B 115 16.72 -15.71 -4.00
CA CYS B 115 15.78 -14.76 -4.54
C CYS B 115 16.04 -13.34 -4.09
N LEU B 116 15.38 -12.36 -4.74
CA LEU B 116 15.55 -10.95 -4.38
C LEU B 116 14.39 -10.50 -3.53
N CYS B 117 14.72 -10.02 -2.30
CA CYS B 117 13.74 -9.58 -1.33
C CYS B 117 13.13 -8.24 -1.73
N VAL B 118 11.81 -8.23 -1.97
CA VAL B 118 11.03 -7.06 -2.37
C VAL B 118 11.07 -5.95 -1.32
N GLN B 119 10.78 -6.31 -0.05
CA GLN B 119 10.74 -5.42 1.11
C GLN B 119 12.09 -4.76 1.40
N ASN B 120 13.20 -5.44 1.10
CA ASN B 120 14.51 -4.82 1.27
C ASN B 120 14.72 -3.74 0.22
N ILE B 121 14.22 -3.95 -1.03
CA ILE B 121 14.29 -2.95 -2.11
C ILE B 121 13.43 -1.73 -1.74
N LEU B 122 12.23 -1.95 -1.19
CA LEU B 122 11.35 -0.87 -0.72
C LEU B 122 12.03 -0.08 0.40
N LYS B 123 12.68 -0.78 1.35
CA LYS B 123 13.46 -0.17 2.44
C LYS B 123 14.58 0.72 1.84
N LEU B 124 15.33 0.20 0.86
CA LEU B 124 16.41 0.95 0.21
C LEU B 124 15.89 2.15 -0.58
N MET B 125 14.69 2.00 -1.17
CA MET B 125 14.03 3.08 -1.90
C MET B 125 13.59 4.20 -0.93
N GLN B 126 13.14 3.83 0.30
CA GLN B 126 12.69 4.75 1.35
C GLN B 126 13.79 5.75 1.77
N GLU B 127 15.06 5.30 1.77
CA GLU B 127 16.27 6.06 2.09
C GLU B 127 16.58 7.14 1.03
N LYS B 128 15.86 7.14 -0.11
CA LYS B 128 16.06 8.07 -1.22
C LYS B 128 15.17 9.30 -1.12
N GLU B 129 15.59 10.40 -1.75
CA GLU B 129 14.85 11.65 -1.77
C GLU B 129 14.30 11.89 -3.17
N THR B 130 13.88 10.79 -3.83
CA THR B 130 13.29 10.79 -5.17
C THR B 130 12.01 11.63 -5.19
N GLY B 131 11.69 12.19 -6.34
CA GLY B 131 10.46 12.93 -6.54
C GLY B 131 9.30 11.97 -6.67
N LEU B 132 9.59 10.76 -7.21
CA LEU B 132 8.66 9.67 -7.43
C LEU B 132 9.44 8.39 -7.63
N ASN B 133 9.00 7.32 -6.97
CA ASN B 133 9.55 6.01 -7.13
C ASN B 133 8.44 5.00 -7.28
N VAL B 134 8.33 4.42 -8.47
CA VAL B 134 7.29 3.46 -8.81
C VAL B 134 7.91 2.05 -8.90
N PHE B 135 7.46 1.13 -8.06
CA PHE B 135 7.96 -0.24 -8.08
C PHE B 135 6.76 -1.12 -8.40
N LEU B 136 6.75 -1.67 -9.63
CA LEU B 136 5.68 -2.52 -10.13
C LEU B 136 6.13 -3.97 -10.23
N LEU B 137 5.44 -4.86 -9.51
CA LEU B 137 5.70 -6.29 -9.54
C LEU B 137 4.58 -6.94 -10.27
N ASP B 138 4.93 -7.69 -11.30
CA ASP B 138 3.96 -8.39 -12.14
C ASP B 138 4.38 -9.84 -12.08
N MET B 139 4.12 -10.44 -10.92
CA MET B 139 4.56 -11.78 -10.62
C MET B 139 3.57 -12.85 -10.86
N CYS B 140 4.09 -14.01 -11.16
CA CYS B 140 3.33 -15.21 -11.38
C CYS B 140 3.48 -16.09 -10.13
N ARG B 141 2.34 -16.45 -9.50
CA ARG B 141 2.30 -17.33 -8.31
C ARG B 141 1.65 -18.68 -8.63
N THR B 159 11.02 12.34 2.41
CA THR B 159 10.01 11.53 1.73
C THR B 159 10.50 11.07 0.34
N ALA B 160 10.41 9.76 0.11
CA ALA B 160 10.78 9.07 -1.12
C ALA B 160 9.66 9.03 -2.18
N ASN B 161 8.38 9.24 -1.79
CA ASN B 161 7.20 9.19 -2.67
C ASN B 161 7.14 7.87 -3.45
N ILE B 162 7.13 6.75 -2.71
CA ILE B 162 7.06 5.40 -3.27
C ILE B 162 5.63 5.00 -3.55
N VAL B 163 5.40 4.42 -4.71
CA VAL B 163 4.12 3.87 -5.18
C VAL B 163 4.49 2.44 -5.57
N PHE B 164 3.93 1.47 -4.85
CA PHE B 164 4.19 0.07 -5.05
C PHE B 164 2.95 -0.62 -5.58
N GLY B 165 3.07 -1.26 -6.73
CA GLY B 165 2.00 -2.02 -7.36
C GLY B 165 2.38 -3.47 -7.39
N TYR B 166 1.62 -4.30 -6.67
CA TYR B 166 1.86 -5.72 -6.55
C TYR B 166 0.73 -6.49 -7.24
N ALA B 167 1.02 -6.96 -8.45
CA ALA B 167 0.11 -7.74 -9.27
C ALA B 167 0.46 -9.23 -9.21
N THR B 168 -0.53 -10.07 -8.97
CA THR B 168 -0.32 -11.52 -8.95
C THR B 168 -1.35 -12.21 -9.80
N CYS B 169 -0.91 -13.23 -10.51
CA CYS B 169 -1.75 -14.06 -11.34
C CYS B 169 -1.31 -15.50 -11.12
N GLN B 170 -2.19 -16.47 -11.41
CA GLN B 170 -1.80 -17.88 -11.26
C GLN B 170 -1.08 -18.26 -12.53
N GLY B 171 -0.12 -19.17 -12.39
CA GLY B 171 0.59 -19.71 -13.54
C GLY B 171 -0.35 -20.55 -14.37
N ALA B 172 -0.05 -20.70 -15.67
CA ALA B 172 -0.86 -21.51 -16.56
C ALA B 172 -0.83 -22.98 -16.13
N GLU B 173 -2.02 -23.60 -16.07
CA GLU B 173 -2.19 -25.02 -15.75
C GLU B 173 -1.73 -25.85 -16.96
N ALA B 174 -1.21 -27.05 -16.70
CA ALA B 174 -0.60 -27.94 -17.70
C ALA B 174 -1.46 -28.28 -18.93
N PHE B 175 -2.79 -28.36 -18.77
CA PHE B 175 -3.67 -28.78 -19.87
C PHE B 175 -4.44 -27.59 -20.48
N GLU B 176 -4.03 -26.36 -20.09
CA GLU B 176 -4.61 -25.09 -20.55
C GLU B 176 -4.10 -24.76 -21.94
N ILE B 177 -5.00 -24.26 -22.80
CA ILE B 177 -4.67 -23.84 -24.15
C ILE B 177 -3.79 -22.55 -24.11
N GLN B 178 -2.55 -22.66 -24.64
CA GLN B 178 -1.59 -21.55 -24.77
C GLN B 178 -2.17 -20.72 -25.91
N HIS B 179 -2.48 -19.43 -25.66
CA HIS B 179 -3.11 -18.56 -26.65
C HIS B 179 -2.13 -18.00 -27.75
N SER B 180 -2.05 -16.66 -27.90
CA SER B 180 -1.28 -15.93 -28.92
C SER B 180 0.25 -16.11 -28.88
N GLY B 181 0.83 -16.19 -27.66
CA GLY B 181 2.28 -16.28 -27.47
C GLY B 181 2.91 -14.89 -27.47
N LEU B 182 2.40 -14.01 -28.35
CA LEU B 182 2.80 -12.61 -28.46
C LEU B 182 1.79 -11.74 -27.71
N ALA B 183 0.93 -12.37 -26.91
CA ALA B 183 -0.07 -11.68 -26.11
C ALA B 183 0.59 -11.06 -24.87
N ASN B 184 0.03 -9.93 -24.41
CA ASN B 184 0.42 -9.29 -23.17
C ASN B 184 -0.16 -10.07 -22.00
N GLY B 185 0.41 -9.86 -20.82
CA GLY B 185 -0.11 -10.40 -19.57
C GLY B 185 -1.29 -9.54 -19.17
N ILE B 186 -2.12 -10.01 -18.24
CA ILE B 186 -3.32 -9.28 -17.81
C ILE B 186 -2.97 -7.89 -17.31
N PHE B 187 -1.97 -7.77 -16.42
CA PHE B 187 -1.62 -6.47 -15.84
C PHE B 187 -1.15 -5.45 -16.90
N MET B 188 -0.25 -5.86 -17.82
CA MET B 188 0.22 -4.93 -18.86
C MET B 188 -0.89 -4.54 -19.84
N LYS B 189 -1.80 -5.48 -20.18
CA LYS B 189 -2.97 -5.25 -21.03
C LYS B 189 -3.76 -4.01 -20.58
N PHE B 190 -4.02 -3.88 -19.26
CA PHE B 190 -4.74 -2.77 -18.65
C PHE B 190 -3.88 -1.58 -18.38
N LEU B 191 -2.61 -1.81 -18.02
CA LEU B 191 -1.67 -0.76 -17.70
C LEU B 191 -1.30 0.06 -18.93
N LYS B 192 -1.03 -0.61 -20.07
CA LYS B 192 -0.61 0.06 -21.30
C LYS B 192 -1.67 1.02 -21.90
N ASP B 193 -2.97 0.80 -21.65
CA ASP B 193 -4.03 1.66 -22.15
C ASP B 193 -4.29 2.89 -21.27
N ARG B 194 -3.60 3.01 -20.11
CA ARG B 194 -3.77 4.12 -19.18
C ARG B 194 -2.48 4.89 -18.85
N LEU B 195 -1.31 4.25 -19.04
CA LEU B 195 0.00 4.75 -18.64
C LEU B 195 0.40 6.13 -19.22
N LEU B 196 -0.09 6.50 -20.43
CA LEU B 196 0.28 7.79 -21.04
C LEU B 196 -0.56 8.96 -20.58
N GLU B 197 -1.57 8.70 -19.73
CA GLU B 197 -2.48 9.73 -19.22
C GLU B 197 -1.79 10.65 -18.22
N ASP B 198 -1.99 11.98 -18.40
CA ASP B 198 -1.48 13.03 -17.54
C ASP B 198 -2.40 13.00 -16.33
N LYS B 199 -2.05 12.15 -15.36
CA LYS B 199 -2.85 11.86 -14.17
C LYS B 199 -1.94 11.33 -13.05
N LYS B 200 -2.20 11.73 -11.78
CA LYS B 200 -1.48 11.27 -10.59
C LYS B 200 -1.38 9.74 -10.63
N ILE B 201 -0.15 9.21 -10.47
CA ILE B 201 0.13 7.78 -10.65
C ILE B 201 -0.76 6.87 -9.75
N THR B 202 -1.01 7.27 -8.49
CA THR B 202 -1.87 6.57 -7.51
C THR B 202 -3.29 6.46 -8.02
N VAL B 203 -3.83 7.56 -8.55
CA VAL B 203 -5.16 7.65 -9.14
C VAL B 203 -5.26 6.75 -10.38
N LEU B 204 -4.22 6.80 -11.22
CA LEU B 204 -4.06 6.02 -12.44
C LEU B 204 -4.04 4.52 -12.12
N LEU B 205 -3.24 4.09 -11.13
CA LEU B 205 -3.18 2.67 -10.76
C LEU B 205 -4.50 2.17 -10.15
N ASP B 206 -5.23 3.06 -9.45
CA ASP B 206 -6.53 2.80 -8.87
C ASP B 206 -7.55 2.48 -9.97
N GLU B 207 -7.53 3.27 -11.07
CA GLU B 207 -8.40 3.05 -12.24
C GLU B 207 -8.05 1.76 -12.95
N VAL B 208 -6.75 1.37 -13.02
CA VAL B 208 -6.30 0.10 -13.62
C VAL B 208 -6.89 -1.03 -12.80
N ALA B 209 -6.83 -0.93 -11.45
CA ALA B 209 -7.38 -1.92 -10.50
C ALA B 209 -8.90 -2.09 -10.74
N GLU B 210 -9.63 -0.96 -10.88
CA GLU B 210 -11.07 -0.93 -11.19
C GLU B 210 -11.40 -1.59 -12.54
N ASP B 211 -10.62 -1.25 -13.61
CA ASP B 211 -10.78 -1.83 -14.96
C ASP B 211 -10.58 -3.33 -14.95
N MET B 212 -9.70 -3.80 -14.07
CA MET B 212 -9.45 -5.21 -13.89
C MET B 212 -10.63 -5.90 -13.22
N GLY B 213 -11.28 -5.19 -12.29
CA GLY B 213 -12.46 -5.67 -11.59
C GLY B 213 -13.65 -5.77 -12.53
N LYS B 214 -13.84 -4.75 -13.39
CA LYS B 214 -14.90 -4.63 -14.40
C LYS B 214 -14.86 -5.72 -15.47
N CYS B 215 -13.71 -6.39 -15.64
CA CYS B 215 -13.51 -7.49 -16.59
C CYS B 215 -13.67 -8.81 -15.84
N HIS B 216 -14.84 -9.42 -16.00
CA HIS B 216 -15.20 -10.68 -15.31
C HIS B 216 -14.39 -11.88 -15.83
N LEU B 217 -13.78 -11.71 -17.03
CA LEU B 217 -12.93 -12.70 -17.71
C LEU B 217 -11.57 -12.83 -16.99
N THR B 218 -11.16 -11.77 -16.24
CA THR B 218 -9.90 -11.69 -15.50
C THR B 218 -10.12 -11.61 -13.96
N LYS B 219 -11.39 -11.40 -13.54
CA LYS B 219 -11.84 -11.26 -12.14
C LYS B 219 -11.27 -12.30 -11.15
N GLY B 220 -11.14 -13.55 -11.58
CA GLY B 220 -10.61 -14.60 -10.72
C GLY B 220 -9.16 -14.99 -10.95
N LYS B 221 -8.56 -14.53 -12.07
CA LYS B 221 -7.19 -14.87 -12.48
C LYS B 221 -6.10 -13.82 -12.18
N GLN B 222 -6.48 -12.55 -11.86
CA GLN B 222 -5.54 -11.45 -11.62
C GLN B 222 -5.90 -10.55 -10.44
N ALA B 223 -4.92 -10.36 -9.53
CA ALA B 223 -5.03 -9.48 -8.36
C ALA B 223 -4.05 -8.28 -8.48
N LEU B 224 -4.41 -7.15 -7.86
CA LEU B 224 -3.57 -5.95 -7.82
C LEU B 224 -3.67 -5.25 -6.46
N GLU B 225 -2.56 -5.19 -5.71
CA GLU B 225 -2.48 -4.44 -4.45
C GLU B 225 -1.59 -3.20 -4.69
N ILE B 226 -2.07 -2.03 -4.31
CA ILE B 226 -1.33 -0.77 -4.43
C ILE B 226 -1.00 -0.27 -3.03
N ARG B 227 0.27 0.06 -2.80
CA ARG B 227 0.76 0.66 -1.54
C ARG B 227 1.38 1.98 -1.89
N SER B 228 0.98 3.05 -1.23
CA SER B 228 1.47 4.37 -1.56
C SER B 228 1.76 5.23 -0.36
N SER B 229 2.84 6.01 -0.46
CA SER B 229 3.28 7.00 0.51
C SER B 229 3.36 8.37 -0.20
N LEU B 230 2.82 8.45 -1.43
CA LEU B 230 2.81 9.65 -2.26
C LEU B 230 1.96 10.76 -1.62
N SER B 231 2.63 11.87 -1.23
CA SER B 231 2.05 13.02 -0.56
C SER B 231 1.89 14.28 -1.44
N GLU B 232 2.18 14.16 -2.75
CA GLU B 232 2.13 15.27 -3.72
C GLU B 232 1.51 14.78 -5.01
N LYS B 233 1.06 15.71 -5.89
CA LYS B 233 0.45 15.40 -7.19
C LYS B 233 1.49 15.02 -8.30
N ARG B 234 2.21 13.89 -8.12
CA ARG B 234 3.22 13.42 -9.09
C ARG B 234 2.62 12.50 -10.13
N ALA B 235 3.08 12.63 -11.38
CA ALA B 235 2.66 11.81 -12.49
C ALA B 235 3.87 11.39 -13.33
N LEU B 236 3.76 10.31 -14.11
CA LEU B 236 4.86 9.86 -14.97
C LEU B 236 5.05 10.83 -16.13
N THR B 237 3.99 11.61 -16.46
CA THR B 237 3.97 12.60 -17.54
C THR B 237 4.60 13.93 -17.15
N ASP B 238 4.95 14.12 -15.86
CA ASP B 238 5.53 15.39 -15.36
C ASP B 238 6.78 15.76 -16.17
N PRO B 239 7.01 17.04 -16.55
CA PRO B 239 8.21 17.34 -17.35
C PRO B 239 9.51 17.28 -16.57
N ILE B 240 10.60 16.98 -17.29
CA ILE B 240 11.93 16.99 -16.71
C ILE B 240 12.40 18.45 -16.62
N GLN B 241 12.89 18.88 -15.44
CA GLN B 241 13.44 20.20 -15.12
C GLN B 241 14.42 20.66 -16.18
N GLY B 242 14.38 21.96 -16.49
CA GLY B 242 15.20 22.66 -17.47
C GLY B 242 16.65 22.25 -17.45
N THR B 243 17.21 21.98 -18.67
CA THR B 243 18.56 21.49 -18.97
C THR B 243 19.65 22.01 -17.99
N GLU B 244 19.99 21.15 -17.01
CA GLU B 244 21.02 21.43 -16.02
C GLU B 244 22.13 20.41 -16.26
N TYR B 245 23.16 20.83 -17.03
CA TYR B 245 24.30 19.99 -17.42
C TYR B 245 25.28 19.71 -16.26
N SER B 246 24.73 19.39 -15.05
CA SER B 246 25.49 19.06 -13.85
C SER B 246 26.24 17.73 -14.02
N ALA B 247 27.29 17.50 -13.19
CA ALA B 247 28.05 16.25 -13.21
C ALA B 247 27.16 15.07 -12.79
N GLU B 248 26.17 15.31 -11.91
CA GLU B 248 25.22 14.32 -11.39
C GLU B 248 24.31 13.81 -12.52
N SER B 249 23.84 14.75 -13.38
CA SER B 249 22.99 14.52 -14.55
C SER B 249 23.75 13.76 -15.64
N LEU B 250 25.03 14.15 -15.85
CA LEU B 250 25.96 13.58 -16.81
C LEU B 250 26.30 12.16 -16.43
N VAL B 251 26.43 11.88 -15.12
CA VAL B 251 26.67 10.51 -14.60
C VAL B 251 25.53 9.58 -15.05
N ARG B 252 24.25 9.98 -14.81
CA ARG B 252 23.05 9.20 -15.17
C ARG B 252 22.94 8.97 -16.65
N ASN B 253 23.13 10.03 -17.45
CA ASN B 253 23.07 9.95 -18.91
C ASN B 253 24.19 9.12 -19.49
N LEU B 254 25.41 9.22 -18.92
CA LEU B 254 26.55 8.45 -19.40
C LEU B 254 26.34 6.97 -19.15
N GLN B 255 25.99 6.60 -17.91
CA GLN B 255 25.77 5.22 -17.51
C GLN B 255 24.70 4.54 -18.38
N TRP B 256 23.65 5.27 -18.74
CA TRP B 256 22.65 4.71 -19.60
C TRP B 256 23.13 4.64 -21.09
N ALA B 257 23.83 5.66 -21.64
CA ALA B 257 24.36 5.67 -23.02
C ALA B 257 25.40 4.55 -23.22
N LYS B 258 26.32 4.39 -22.23
CA LYS B 258 27.38 3.37 -22.10
C LYS B 258 26.82 1.96 -22.28
N ALA B 259 25.56 1.72 -21.85
CA ALA B 259 24.94 0.41 -21.94
C ALA B 259 24.06 0.24 -23.15
N HIS B 260 23.94 1.28 -23.99
CA HIS B 260 23.03 1.20 -25.14
C HIS B 260 23.70 1.48 -26.47
N GLU B 261 25.01 1.18 -26.48
CA GLU B 261 25.91 1.32 -27.59
C GLU B 261 25.89 0.11 -28.48
N LEU B 262 25.42 0.34 -29.71
CA LEU B 262 25.42 -0.69 -30.73
C LEU B 262 26.66 -0.54 -31.60
N PRO B 263 27.27 -1.64 -32.08
CA PRO B 263 28.36 -1.48 -33.04
C PRO B 263 27.81 -0.83 -34.32
N GLU B 264 28.63 -0.02 -34.97
CA GLU B 264 28.26 0.64 -36.21
C GLU B 264 28.19 -0.40 -37.32
N SER B 265 27.34 -0.15 -38.30
CA SER B 265 27.16 -0.98 -39.50
C SER B 265 28.54 -1.11 -40.22
N MET B 266 28.90 -2.35 -40.60
CA MET B 266 30.20 -2.61 -41.24
C MET B 266 30.07 -3.08 -42.66
N CYS B 267 30.97 -2.59 -43.50
CA CYS B 267 31.10 -3.08 -44.87
C CYS B 267 32.42 -3.90 -44.96
N LEU B 268 32.31 -5.21 -45.11
CA LEU B 268 33.46 -6.12 -45.20
C LEU B 268 33.75 -6.42 -46.64
N LYS B 269 34.94 -6.04 -47.10
CA LYS B 269 35.40 -6.25 -48.47
C LYS B 269 36.29 -7.49 -48.50
N PHE B 270 35.84 -8.52 -49.26
CA PHE B 270 36.57 -9.77 -49.45
C PHE B 270 37.50 -9.61 -50.66
N ASP B 271 38.67 -10.30 -50.65
CA ASP B 271 39.69 -10.23 -51.71
C ASP B 271 39.15 -10.51 -53.11
N CYS B 272 38.15 -11.40 -53.23
CA CYS B 272 37.44 -11.71 -54.48
C CYS B 272 36.58 -10.53 -55.01
N GLY B 273 36.38 -9.49 -54.20
CA GLY B 273 35.59 -8.33 -54.58
C GLY B 273 34.20 -8.26 -53.99
N VAL B 274 33.70 -9.39 -53.43
CA VAL B 274 32.39 -9.46 -52.77
C VAL B 274 32.41 -8.56 -51.49
N GLN B 275 31.34 -7.75 -51.33
CA GLN B 275 31.14 -6.84 -50.19
C GLN B 275 29.92 -7.24 -49.39
N ILE B 276 30.11 -7.45 -48.08
CA ILE B 276 29.07 -7.85 -47.15
C ILE B 276 28.79 -6.72 -46.17
N GLN B 277 27.51 -6.39 -45.99
CA GLN B 277 27.12 -5.40 -45.00
C GLN B 277 26.67 -6.20 -43.77
N LEU B 278 27.21 -5.81 -42.61
CA LEU B 278 26.91 -6.37 -41.30
C LEU B 278 26.18 -5.27 -40.51
N GLY B 279 24.97 -5.57 -40.07
CA GLY B 279 24.16 -4.64 -39.31
C GLY B 279 23.85 -5.19 -37.92
N PHE B 280 23.57 -4.28 -36.96
CA PHE B 280 23.30 -4.61 -35.58
C PHE B 280 22.09 -3.85 -35.07
N ALA B 281 21.12 -4.56 -34.47
CA ALA B 281 19.92 -3.94 -33.91
C ALA B 281 19.71 -4.40 -32.47
N ALA B 282 19.12 -3.54 -31.63
CA ALA B 282 18.87 -3.90 -30.24
C ALA B 282 17.41 -4.25 -30.05
N GLU B 283 17.12 -5.38 -29.42
CA GLU B 283 15.74 -5.75 -29.10
C GLU B 283 15.49 -5.37 -27.62
N PHE B 284 16.49 -5.60 -26.76
CA PHE B 284 16.54 -5.34 -25.31
C PHE B 284 17.96 -4.90 -24.99
N SER B 285 18.24 -4.46 -23.74
CA SER B 285 19.58 -4.04 -23.34
C SER B 285 20.58 -5.19 -23.29
N ASN B 286 20.08 -6.45 -23.26
CA ASN B 286 20.96 -7.63 -23.26
C ASN B 286 20.67 -8.55 -24.48
N VAL B 287 19.95 -8.01 -25.50
CA VAL B 287 19.55 -8.74 -26.70
C VAL B 287 19.83 -7.90 -27.97
N MET B 288 20.73 -8.41 -28.82
CA MET B 288 21.13 -7.82 -30.09
C MET B 288 20.84 -8.79 -31.25
N ILE B 289 20.41 -8.24 -32.39
CA ILE B 289 20.22 -8.97 -33.65
C ILE B 289 21.32 -8.55 -34.61
N ILE B 290 22.00 -9.54 -35.18
CA ILE B 290 23.04 -9.37 -36.21
C ILE B 290 22.40 -9.78 -37.53
N TYR B 291 22.67 -9.01 -38.58
CA TYR B 291 22.16 -9.31 -39.93
C TYR B 291 23.20 -8.99 -41.00
N THR B 292 23.25 -9.83 -42.02
CA THR B 292 24.17 -9.76 -43.13
C THR B 292 23.42 -9.80 -44.47
N SER B 293 23.98 -9.14 -45.47
CA SER B 293 23.50 -9.12 -46.87
C SER B 293 24.71 -8.90 -47.78
N ILE B 294 24.64 -9.42 -49.02
CA ILE B 294 25.65 -9.20 -50.06
C ILE B 294 25.28 -7.88 -50.68
N VAL B 295 26.11 -6.87 -50.48
CA VAL B 295 25.84 -5.53 -51.00
C VAL B 295 26.47 -5.34 -52.40
N TYR B 296 27.60 -6.01 -52.67
CA TYR B 296 28.27 -6.00 -53.97
C TYR B 296 28.80 -7.37 -54.33
N LYS B 297 28.48 -7.82 -55.53
CA LYS B 297 28.96 -9.09 -56.07
C LYS B 297 29.55 -8.80 -57.45
N PRO B 298 30.86 -9.10 -57.71
CA PRO B 298 31.43 -8.85 -59.06
C PRO B 298 30.71 -9.70 -60.14
N PRO B 299 30.65 -9.25 -61.42
CA PRO B 299 29.94 -10.04 -62.45
C PRO B 299 30.46 -11.46 -62.67
N GLU B 300 31.77 -11.69 -62.44
CA GLU B 300 32.41 -13.02 -62.55
C GLU B 300 31.93 -14.05 -61.50
N ILE B 301 31.44 -13.60 -60.32
CA ILE B 301 30.94 -14.48 -59.24
C ILE B 301 29.45 -14.72 -59.51
N ILE B 302 29.03 -16.01 -59.57
CA ILE B 302 27.63 -16.41 -59.83
C ILE B 302 26.89 -16.77 -58.52
N MET B 303 27.33 -17.82 -57.79
CA MET B 303 26.75 -18.22 -56.49
C MET B 303 27.50 -17.42 -55.40
N CYS B 304 26.81 -17.04 -54.31
CA CYS B 304 27.39 -16.25 -53.23
C CYS B 304 26.60 -16.35 -51.91
N ASP B 305 27.21 -16.89 -50.84
CA ASP B 305 26.57 -17.00 -49.52
C ASP B 305 27.48 -16.50 -48.44
N ALA B 306 26.93 -15.64 -47.58
CA ALA B 306 27.60 -15.11 -46.40
C ALA B 306 26.84 -15.62 -45.19
N TYR B 307 27.57 -15.99 -44.15
CA TYR B 307 26.98 -16.51 -42.91
C TYR B 307 27.93 -16.25 -41.78
N VAL B 308 27.39 -16.09 -40.59
CA VAL B 308 28.17 -15.78 -39.39
C VAL B 308 28.38 -17.05 -38.58
N THR B 309 29.55 -17.15 -37.96
CA THR B 309 29.92 -18.33 -37.20
C THR B 309 30.97 -18.02 -36.11
N ASP B 310 31.26 -19.02 -35.24
CA ASP B 310 32.29 -19.03 -34.20
C ASP B 310 32.12 -17.87 -33.22
N PHE B 311 30.96 -17.84 -32.57
CA PHE B 311 30.60 -16.87 -31.55
C PHE B 311 31.21 -17.28 -30.19
N PRO B 312 31.50 -16.33 -29.26
CA PRO B 312 32.04 -16.76 -27.94
C PRO B 312 31.17 -17.82 -27.27
N LEU B 313 31.82 -18.83 -26.67
CA LEU B 313 31.18 -19.95 -25.98
C LEU B 313 30.18 -19.45 -24.92
N ASP B 314 30.52 -18.32 -24.24
CA ASP B 314 29.72 -17.64 -23.21
C ASP B 314 28.30 -17.30 -23.68
N LEU B 315 28.14 -16.89 -24.94
CA LEU B 315 26.82 -16.52 -25.50
C LEU B 315 25.90 -17.71 -25.75
N ASP B 316 26.47 -18.95 -25.78
CA ASP B 316 25.78 -20.24 -25.98
C ASP B 316 24.84 -20.23 -27.21
N ILE B 317 25.40 -19.84 -28.35
CA ILE B 317 24.70 -19.72 -29.61
C ILE B 317 24.61 -21.07 -30.28
N ASP B 318 23.39 -21.56 -30.53
CA ASP B 318 23.22 -22.80 -31.25
C ASP B 318 23.22 -22.45 -32.75
N PRO B 319 24.23 -22.93 -33.52
CA PRO B 319 24.30 -22.61 -34.97
C PRO B 319 23.03 -22.91 -35.78
N LYS B 320 22.20 -23.83 -35.28
CA LYS B 320 20.92 -24.25 -35.83
C LYS B 320 19.91 -23.08 -35.84
N ASP B 321 20.05 -22.14 -34.88
CA ASP B 321 19.22 -20.95 -34.69
C ASP B 321 19.78 -19.70 -35.38
N ALA B 322 21.01 -19.78 -35.89
CA ALA B 322 21.70 -18.67 -36.55
C ALA B 322 21.44 -18.67 -38.05
N ASN B 323 21.72 -17.52 -38.72
CA ASN B 323 21.61 -17.34 -40.16
C ASN B 323 20.24 -17.72 -40.74
N LYS B 324 19.19 -17.15 -40.18
CA LYS B 324 17.83 -17.45 -40.63
C LYS B 324 17.37 -16.42 -41.66
N GLY B 325 16.42 -16.82 -42.50
CA GLY B 325 15.87 -15.98 -43.55
C GLY B 325 14.92 -14.91 -43.04
N THR B 326 14.37 -15.13 -41.83
CA THR B 326 13.46 -14.18 -41.17
C THR B 326 13.87 -14.02 -39.72
N PRO B 327 13.65 -12.82 -39.11
CA PRO B 327 13.98 -12.65 -37.69
C PRO B 327 13.15 -13.54 -36.76
N GLU B 328 11.86 -13.79 -37.12
CA GLU B 328 10.93 -14.64 -36.36
C GLU B 328 11.48 -16.03 -36.10
N GLU B 329 12.27 -16.56 -37.05
CA GLU B 329 12.90 -17.87 -36.94
C GLU B 329 13.99 -17.93 -35.86
N THR B 330 14.59 -16.77 -35.52
CA THR B 330 15.62 -16.63 -34.49
C THR B 330 15.00 -16.44 -33.07
N GLY B 331 13.69 -16.28 -33.00
CA GLY B 331 12.99 -16.00 -31.76
C GLY B 331 12.85 -14.51 -31.52
N SER B 332 13.13 -13.76 -32.58
CA SER B 332 13.08 -12.32 -32.58
C SER B 332 11.81 -11.90 -33.30
N TYR B 333 10.79 -11.47 -32.53
CA TYR B 333 9.46 -11.12 -33.06
C TYR B 333 9.07 -9.68 -32.77
N LEU B 334 9.89 -8.94 -32.04
CA LEU B 334 9.53 -7.57 -31.66
C LEU B 334 10.18 -6.52 -32.52
N VAL B 335 11.49 -6.67 -32.84
CA VAL B 335 12.19 -5.69 -33.69
C VAL B 335 11.98 -5.99 -35.16
N SER B 336 11.51 -7.22 -35.47
CA SER B 336 11.24 -7.78 -36.81
C SER B 336 10.76 -6.79 -37.88
N LYS B 337 9.96 -5.82 -37.48
CA LYS B 337 9.36 -4.75 -38.30
C LYS B 337 10.38 -3.70 -38.73
N ASP B 338 11.26 -3.31 -37.80
CA ASP B 338 12.30 -2.29 -37.94
C ASP B 338 13.59 -2.79 -38.60
N LEU B 339 13.66 -4.10 -38.92
CA LEU B 339 14.83 -4.71 -39.50
C LEU B 339 14.85 -4.66 -41.02
N PRO B 340 16.02 -4.44 -41.68
CA PRO B 340 16.05 -4.49 -43.16
C PRO B 340 15.70 -5.91 -43.60
N LYS B 341 15.00 -6.05 -44.72
CA LYS B 341 14.56 -7.35 -45.26
C LYS B 341 15.64 -7.95 -46.15
N HIS B 342 15.47 -9.25 -46.51
CA HIS B 342 16.38 -10.00 -47.41
C HIS B 342 17.80 -10.08 -46.87
N CYS B 343 17.94 -10.34 -45.58
CA CYS B 343 19.22 -10.50 -44.89
C CYS B 343 19.21 -11.91 -44.25
N LEU B 344 20.33 -12.28 -43.61
CA LEU B 344 20.38 -13.48 -42.78
C LEU B 344 20.51 -12.97 -41.33
N TYR B 345 19.63 -13.43 -40.44
CA TYR B 345 19.52 -12.94 -39.06
C TYR B 345 19.99 -13.93 -38.01
N THR B 346 20.67 -13.39 -36.99
CA THR B 346 21.21 -14.09 -35.83
C THR B 346 20.88 -13.29 -34.58
N ARG B 347 20.22 -13.94 -33.60
CA ARG B 347 19.84 -13.34 -32.33
C ARG B 347 20.86 -13.65 -31.25
N LEU B 348 21.49 -12.61 -30.69
CA LEU B 348 22.44 -12.77 -29.60
C LEU B 348 21.82 -12.26 -28.31
N SER B 349 21.15 -13.17 -27.63
CA SER B 349 20.56 -12.90 -26.32
C SER B 349 21.61 -13.19 -25.24
N SER B 350 21.30 -12.91 -23.96
CA SER B 350 22.22 -13.12 -22.83
C SER B 350 23.56 -12.37 -22.98
N LEU B 351 23.53 -11.13 -23.51
CA LEU B 351 24.74 -10.32 -23.70
C LEU B 351 25.55 -10.09 -22.42
N GLN B 352 24.88 -10.06 -21.24
CA GLN B 352 25.55 -9.87 -19.93
C GLN B 352 26.51 -11.05 -19.57
N LYS B 353 26.42 -12.18 -20.28
CA LYS B 353 27.25 -13.35 -20.10
C LYS B 353 28.60 -13.24 -20.83
N LEU B 354 28.76 -12.21 -21.67
CA LEU B 354 29.98 -11.94 -22.42
C LEU B 354 31.04 -11.35 -21.48
N LYS B 355 32.12 -12.11 -21.24
CA LYS B 355 33.22 -11.69 -20.37
C LYS B 355 34.32 -10.94 -21.15
N GLU B 356 34.54 -11.37 -22.41
CA GLU B 356 35.54 -10.88 -23.37
C GLU B 356 34.89 -9.97 -24.46
N HIS B 357 35.64 -9.65 -25.52
CA HIS B 357 35.16 -8.90 -26.66
C HIS B 357 34.30 -9.82 -27.54
N LEU B 358 33.28 -9.24 -28.20
CA LEU B 358 32.43 -10.01 -29.09
C LEU B 358 33.14 -10.16 -30.43
N VAL B 359 33.78 -11.32 -30.57
CA VAL B 359 34.56 -11.75 -31.72
C VAL B 359 33.79 -12.90 -32.38
N PHE B 360 33.65 -12.83 -33.71
CA PHE B 360 32.99 -13.87 -34.51
C PHE B 360 33.49 -13.81 -35.93
N THR B 361 33.10 -14.80 -36.73
CA THR B 361 33.55 -14.95 -38.11
C THR B 361 32.43 -14.74 -39.11
N VAL B 362 32.75 -14.03 -40.19
CA VAL B 362 31.87 -13.83 -41.32
C VAL B 362 32.48 -14.71 -42.43
N CYS B 363 31.77 -15.79 -42.77
CA CYS B 363 32.15 -16.77 -43.78
C CYS B 363 31.54 -16.47 -45.13
N LEU B 364 32.32 -16.74 -46.20
CA LEU B 364 31.90 -16.55 -47.58
C LEU B 364 32.15 -17.78 -48.43
N SER B 365 31.07 -18.31 -49.02
CA SER B 365 31.04 -19.43 -49.97
C SER B 365 30.64 -18.84 -51.33
N TYR B 366 31.54 -18.91 -52.31
CA TYR B 366 31.27 -18.34 -53.63
C TYR B 366 31.67 -19.26 -54.76
N GLN B 367 31.33 -18.86 -55.99
CA GLN B 367 31.59 -19.64 -57.19
C GLN B 367 31.68 -18.70 -58.39
N TYR B 368 32.68 -18.92 -59.24
CA TYR B 368 32.89 -18.16 -60.48
C TYR B 368 32.05 -18.77 -61.61
N SER B 369 31.62 -17.94 -62.58
CA SER B 369 30.77 -18.39 -63.71
C SER B 369 31.45 -19.48 -64.54
N GLY B 370 30.70 -20.56 -64.78
CA GLY B 370 31.19 -21.72 -65.52
C GLY B 370 31.71 -22.81 -64.61
N LEU B 371 32.74 -22.45 -63.79
CA LEU B 371 33.42 -23.30 -62.81
C LEU B 371 32.50 -24.05 -61.86
N GLU B 372 32.92 -25.27 -61.48
CA GLU B 372 32.18 -26.18 -60.59
C GLU B 372 32.53 -25.96 -59.14
N ASP B 373 33.82 -25.69 -58.87
CA ASP B 373 34.37 -25.50 -57.54
C ASP B 373 33.81 -24.31 -56.77
N THR B 374 33.58 -24.53 -55.47
CA THR B 374 33.11 -23.51 -54.52
C THR B 374 34.33 -23.01 -53.74
N VAL B 375 34.62 -21.71 -53.88
CA VAL B 375 35.72 -21.04 -53.19
C VAL B 375 35.21 -20.57 -51.82
N GLU B 376 36.07 -20.67 -50.80
CA GLU B 376 35.71 -20.27 -49.42
C GLU B 376 36.67 -19.23 -48.88
N ASP B 377 36.13 -18.23 -48.18
CA ASP B 377 36.92 -17.17 -47.51
C ASP B 377 36.25 -16.86 -46.15
N LYS B 378 36.97 -16.17 -45.29
CA LYS B 378 36.48 -15.78 -43.97
C LYS B 378 37.24 -14.56 -43.44
N GLN B 379 36.56 -13.78 -42.62
CA GLN B 379 37.10 -12.59 -41.98
C GLN B 379 36.57 -12.60 -40.52
N GLU B 380 37.48 -12.39 -39.58
CA GLU B 380 37.15 -12.29 -38.17
C GLU B 380 36.74 -10.84 -37.91
N VAL B 381 35.70 -10.67 -37.09
CA VAL B 381 35.13 -9.38 -36.73
C VAL B 381 35.17 -9.23 -35.20
N ASN B 382 35.63 -8.09 -34.70
CA ASN B 382 35.63 -7.79 -33.27
C ASN B 382 34.74 -6.56 -33.08
N VAL B 383 33.59 -6.70 -32.38
CA VAL B 383 32.67 -5.55 -32.22
C VAL B 383 32.66 -4.98 -30.76
N GLY B 384 33.63 -5.41 -29.94
CA GLY B 384 33.80 -4.98 -28.55
C GLY B 384 32.78 -5.63 -27.64
N LYS B 385 32.32 -4.90 -26.63
CA LYS B 385 31.32 -5.37 -25.69
C LYS B 385 30.02 -4.54 -25.95
N PRO B 386 29.09 -5.04 -26.78
CA PRO B 386 27.92 -4.21 -27.09
C PRO B 386 26.84 -4.25 -26.02
N LEU B 387 26.05 -3.18 -25.98
CA LEU B 387 24.92 -3.02 -25.09
C LEU B 387 25.35 -3.23 -23.60
N ILE B 388 24.60 -4.00 -22.77
CA ILE B 388 24.88 -4.18 -21.34
C ILE B 388 26.24 -4.88 -21.04
N ALA B 389 26.85 -5.54 -22.05
CA ALA B 389 28.15 -6.22 -21.90
C ALA B 389 29.27 -5.21 -21.65
N LYS B 390 29.10 -3.93 -22.07
CA LYS B 390 30.09 -2.87 -21.85
C LYS B 390 30.33 -2.58 -20.36
N LEU B 391 29.35 -2.90 -19.50
CA LEU B 391 29.41 -2.69 -18.05
C LEU B 391 30.36 -3.67 -17.37
N ASP B 392 31.63 -3.26 -17.18
CA ASP B 392 32.67 -4.09 -16.55
C ASP B 392 32.49 -3.99 -15.01
N MET B 393 31.23 -4.29 -14.57
CA MET B 393 30.70 -4.22 -13.20
C MET B 393 29.88 -5.50 -12.90
#